data_4Z89
#
_entry.id   4Z89
#
_cell.length_a   58.300
_cell.length_b   122.220
_cell.length_c   68.540
_cell.angle_alpha   90.00
_cell.angle_beta   113.17
_cell.angle_gamma   90.00
#
_symmetry.space_group_name_H-M   'P 1 21 1'
#
loop_
_entity.id
_entity.type
_entity.pdbx_description
1 polymer 'RIM-binding protein, isoform F'
2 polymer 'Voltage-dependent calcium channel type A subunit alpha-1'
3 non-polymer 'CALCIUM ION'
4 water water
#
loop_
_entity_poly.entity_id
_entity_poly.type
_entity_poly.pdbx_seq_one_letter_code
_entity_poly.pdbx_strand_id
1 'polypeptide(L)' GPLGSPEFRYFVAMFDYDPSTMSPNPDGCDEELPFQEGDTIKVFGDKDADGFYWGELRGRRGYVPHNMVSEVE A,B,C,D,E,F,G,H,I,J
2 'polypeptide(L)' (ACE)IGRRLPPTPSKPSTL(NH2) a,b,c,d,e,f,g,h,i,j
#
# COMPACT_ATOMS: atom_id res chain seq x y z
N PHE A 8 4.17 -5.17 31.10
CA PHE A 8 3.34 -5.47 29.94
C PHE A 8 1.97 -5.99 30.35
N ARG A 9 0.93 -5.59 29.64
CA ARG A 9 -0.41 -6.04 29.94
C ARG A 9 -0.96 -6.84 28.76
N TYR A 10 -1.90 -7.73 29.05
CA TYR A 10 -2.60 -8.48 28.00
C TYR A 10 -3.97 -7.90 27.77
N PHE A 11 -4.31 -7.75 26.48
CA PHE A 11 -5.64 -7.34 26.09
C PHE A 11 -6.16 -8.43 25.16
N VAL A 12 -7.47 -8.67 25.18
CA VAL A 12 -8.05 -9.64 24.26
C VAL A 12 -8.86 -8.90 23.21
N ALA A 13 -8.69 -9.29 21.96
CA ALA A 13 -9.39 -8.66 20.86
C ALA A 13 -10.88 -9.01 20.91
N MET A 14 -11.74 -8.00 20.85
CA MET A 14 -13.17 -8.23 20.86
C MET A 14 -13.72 -8.26 19.43
N PHE A 15 -12.90 -7.81 18.49
CA PHE A 15 -13.35 -7.71 17.11
C PHE A 15 -12.24 -8.09 16.14
N ASP A 16 -12.61 -8.57 14.96
CA ASP A 16 -11.64 -8.74 13.88
C ASP A 16 -11.20 -7.35 13.43
N TYR A 17 -9.91 -7.16 13.10
CA TYR A 17 -9.48 -5.85 12.62
C TYR A 17 -8.44 -5.96 11.50
N ASP A 18 -8.82 -5.47 10.33
CA ASP A 18 -7.97 -5.43 9.16
C ASP A 18 -7.77 -3.98 8.75
N PRO A 19 -6.68 -3.37 9.21
CA PRO A 19 -6.35 -1.96 9.00
C PRO A 19 -6.33 -1.54 7.53
N SER A 20 -6.12 -2.49 6.63
CA SER A 20 -6.16 -2.20 5.20
C SER A 20 -7.52 -1.67 4.76
N THR A 21 -8.56 -2.27 5.32
CA THR A 21 -9.92 -2.02 4.87
C THR A 21 -10.78 -1.32 5.93
N MET A 22 -10.26 -1.23 7.15
CA MET A 22 -11.05 -0.78 8.29
C MET A 22 -10.43 0.40 9.00
N SER A 23 -9.19 0.74 8.66
CA SER A 23 -8.53 1.85 9.33
C SER A 23 -8.73 3.13 8.55
N PRO A 24 -9.05 4.22 9.26
CA PRO A 24 -9.19 5.58 8.74
C PRO A 24 -7.85 6.23 8.49
N ASN A 25 -6.80 5.52 8.86
CA ASN A 25 -5.43 5.98 8.69
C ASN A 25 -4.87 5.36 7.42
N PRO A 26 -4.50 6.20 6.46
CA PRO A 26 -4.03 5.65 5.19
C PRO A 26 -2.75 4.86 5.35
N ASP A 27 -2.05 5.07 6.46
CA ASP A 27 -0.81 4.36 6.75
C ASP A 27 -1.04 3.18 7.70
N GLY A 28 -2.28 2.99 8.14
CA GLY A 28 -2.60 2.00 9.16
C GLY A 28 -2.16 0.59 8.83
N CYS A 29 -2.05 0.30 7.55
CA CYS A 29 -1.71 -1.05 7.11
C CYS A 29 -0.29 -1.45 7.52
N ASP A 30 0.61 -0.49 7.61
CA ASP A 30 1.99 -0.78 8.01
C ASP A 30 2.24 -0.53 9.49
N GLU A 31 1.43 0.34 10.09
CA GLU A 31 1.66 0.77 11.47
C GLU A 31 0.63 0.25 12.49
N GLU A 32 -0.54 -0.18 12.04
CA GLU A 32 -1.52 -0.73 12.98
C GLU A 32 -1.60 -2.25 12.88
N LEU A 33 -1.65 -2.88 14.05
CA LEU A 33 -1.66 -4.33 14.14
C LEU A 33 -2.97 -4.94 13.62
N PRO A 34 -2.85 -6.05 12.88
CA PRO A 34 -3.98 -6.87 12.43
C PRO A 34 -4.36 -7.93 13.45
N PHE A 35 -5.65 -8.09 13.75
CA PHE A 35 -6.08 -9.15 14.68
C PHE A 35 -7.52 -9.64 14.49
N GLN A 36 -7.75 -10.90 14.83
CA GLN A 36 -9.08 -11.52 14.91
C GLN A 36 -9.57 -11.57 16.36
N GLU A 37 -10.87 -11.79 16.55
CA GLU A 37 -11.41 -11.95 17.90
C GLU A 37 -10.79 -13.10 18.67
N GLY A 38 -10.40 -12.84 19.91
CA GLY A 38 -9.84 -13.86 20.76
C GLY A 38 -8.34 -13.82 20.84
N ASP A 39 -7.73 -13.08 19.93
CA ASP A 39 -6.28 -12.89 19.92
C ASP A 39 -5.82 -12.15 21.17
N THR A 40 -4.71 -12.58 21.76
CA THR A 40 -4.18 -11.91 22.94
C THR A 40 -2.96 -11.07 22.58
N ILE A 41 -3.01 -9.80 22.96
CA ILE A 41 -2.00 -8.84 22.55
C ILE A 41 -1.16 -8.37 23.72
N LYS A 42 0.15 -8.39 23.51
CA LYS A 42 1.14 -7.91 24.46
C LYS A 42 1.22 -6.40 24.35
N VAL A 43 0.66 -5.69 25.32
CA VAL A 43 0.65 -4.23 25.23
C VAL A 43 1.66 -3.65 26.22
N PHE A 44 2.48 -2.72 25.72
CA PHE A 44 3.55 -2.13 26.52
C PHE A 44 3.25 -0.66 26.81
N GLY A 45 3.37 -0.24 28.06
CA GLY A 45 3.10 1.14 28.40
C GLY A 45 1.62 1.43 28.55
N ASP A 46 1.21 2.66 28.27
CA ASP A 46 -0.18 3.06 28.42
C ASP A 46 -0.79 3.44 27.08
N LYS A 47 -2.10 3.67 27.09
CA LYS A 47 -2.81 4.17 25.93
C LYS A 47 -2.22 5.52 25.56
N ASP A 48 -2.05 5.79 24.27
CA ASP A 48 -1.52 7.09 23.88
C ASP A 48 -2.69 8.08 23.76
N ALA A 49 -2.39 9.33 23.48
CA ALA A 49 -3.41 10.39 23.39
C ALA A 49 -4.41 10.17 22.26
N ASP A 50 -4.01 9.37 21.28
CA ASP A 50 -4.85 9.11 20.12
C ASP A 50 -5.84 7.99 20.40
N GLY A 51 -5.55 7.19 21.43
CA GLY A 51 -6.44 6.13 21.85
C GLY A 51 -5.93 4.76 21.47
N PHE A 52 -4.65 4.69 21.14
CA PHE A 52 -4.02 3.47 20.68
C PHE A 52 -3.04 2.90 21.71
N TYR A 53 -2.97 1.58 21.80
CA TYR A 53 -1.92 0.91 22.55
C TYR A 53 -0.70 0.54 21.69
N TRP A 54 0.44 0.34 22.32
CA TRP A 54 1.62 -0.19 21.62
C TRP A 54 1.88 -1.62 22.04
N GLY A 55 1.95 -2.50 21.06
CA GLY A 55 2.12 -3.89 21.38
C GLY A 55 2.61 -4.82 20.30
N GLU A 56 2.66 -6.11 20.66
CA GLU A 56 3.21 -7.13 19.80
C GLU A 56 2.23 -8.28 19.66
N LEU A 57 2.13 -8.84 18.45
CA LEU A 57 1.27 -9.99 18.18
C LEU A 57 1.88 -10.74 17.01
N ARG A 58 2.15 -12.04 17.24
CA ARG A 58 2.79 -12.91 16.26
C ARG A 58 4.14 -12.35 15.79
N GLY A 59 4.92 -11.86 16.74
CA GLY A 59 6.26 -11.35 16.48
C GLY A 59 6.36 -9.98 15.84
N ARG A 60 5.22 -9.36 15.58
CA ARG A 60 5.14 -8.04 14.95
C ARG A 60 4.61 -6.97 15.90
N ARG A 61 5.19 -5.77 15.82
CA ARG A 61 4.70 -4.64 16.62
C ARG A 61 4.04 -3.51 15.84
N GLY A 62 3.05 -2.89 16.46
CA GLY A 62 2.25 -1.86 15.83
C GLY A 62 1.23 -1.29 16.79
N TYR A 63 0.33 -0.47 16.28
CA TYR A 63 -0.66 0.21 17.11
C TYR A 63 -2.01 -0.49 17.14
N VAL A 64 -2.68 -0.41 18.29
CA VAL A 64 -3.93 -1.11 18.50
C VAL A 64 -4.99 -0.17 19.05
N PRO A 65 -6.12 -0.01 18.34
CA PRO A 65 -7.20 0.84 18.85
C PRO A 65 -7.85 0.26 20.10
N HIS A 66 -8.02 1.09 21.11
CA HIS A 66 -8.44 0.62 22.42
C HIS A 66 -9.88 0.13 22.43
N ASN A 67 -10.69 0.66 21.50
CA ASN A 67 -12.10 0.32 21.45
C ASN A 67 -12.32 -1.04 20.80
N MET A 68 -11.23 -1.76 20.54
CA MET A 68 -11.30 -3.05 19.89
C MET A 68 -10.85 -4.17 20.82
N VAL A 69 -10.23 -3.77 21.93
CA VAL A 69 -9.61 -4.72 22.86
C VAL A 69 -10.08 -4.49 24.30
N SER A 70 -9.96 -5.52 25.13
CA SER A 70 -10.24 -5.40 26.54
C SER A 70 -9.09 -5.94 27.40
N GLU A 71 -8.67 -5.11 28.35
CA GLU A 71 -7.62 -5.44 29.32
C GLU A 71 -7.98 -6.60 30.23
N VAL A 72 -7.03 -7.50 30.44
CA VAL A 72 -7.24 -8.59 31.39
C VAL A 72 -6.87 -8.10 32.79
N PHE B 8 -17.31 -23.10 -6.80
CA PHE B 8 -16.39 -22.53 -5.82
C PHE B 8 -16.03 -23.59 -4.77
N ARG B 9 -14.75 -23.61 -4.37
CA ARG B 9 -14.26 -24.58 -3.40
C ARG B 9 -13.78 -23.84 -2.16
N TYR B 10 -13.74 -24.53 -1.03
CA TYR B 10 -13.26 -23.97 0.22
C TYR B 10 -11.82 -24.41 0.50
N PHE B 11 -10.99 -23.47 0.96
CA PHE B 11 -9.62 -23.80 1.38
C PHE B 11 -9.43 -23.38 2.83
N VAL B 12 -8.58 -24.12 3.54
CA VAL B 12 -8.25 -23.76 4.92
C VAL B 12 -6.82 -23.25 5.02
N ALA B 13 -6.64 -22.17 5.77
CA ALA B 13 -5.33 -21.60 5.95
C ALA B 13 -4.50 -22.53 6.80
N MET B 14 -3.31 -22.87 6.32
CA MET B 14 -2.44 -23.75 7.06
C MET B 14 -1.48 -22.89 7.86
N PHE B 15 -1.45 -21.61 7.51
CA PHE B 15 -0.54 -20.64 8.11
C PHE B 15 -1.20 -19.30 8.34
N ASP B 16 -0.69 -18.56 9.32
CA ASP B 16 -1.04 -17.15 9.47
C ASP B 16 -0.39 -16.40 8.31
N TYR B 17 -1.05 -15.39 7.76
CA TYR B 17 -0.43 -14.59 6.70
C TYR B 17 -0.72 -13.09 6.82
N ASP B 18 0.34 -12.31 7.00
CA ASP B 18 0.23 -10.85 7.11
C ASP B 18 0.96 -10.17 5.97
N PRO B 19 0.22 -9.87 4.89
CA PRO B 19 0.76 -9.32 3.64
C PRO B 19 1.58 -8.03 3.81
N SER B 20 1.29 -7.24 4.84
CA SER B 20 2.06 -6.02 5.07
C SER B 20 3.54 -6.33 5.29
N THR B 21 3.81 -7.41 6.01
CA THR B 21 5.17 -7.70 6.44
C THR B 21 5.72 -8.96 5.80
N MET B 22 4.89 -9.70 5.08
CA MET B 22 5.28 -11.03 4.59
C MET B 22 5.17 -11.15 3.07
N SER B 23 4.51 -10.17 2.44
CA SER B 23 4.32 -10.19 0.99
C SER B 23 5.40 -9.46 0.23
N PRO B 24 5.88 -10.09 -0.86
CA PRO B 24 6.87 -9.51 -1.78
C PRO B 24 6.25 -8.49 -2.70
N ASN B 25 4.94 -8.36 -2.59
CA ASN B 25 4.16 -7.43 -3.39
C ASN B 25 3.89 -6.19 -2.58
N PRO B 26 4.37 -5.03 -3.06
CA PRO B 26 4.20 -3.76 -2.35
C PRO B 26 2.73 -3.35 -2.24
N ASP B 27 1.89 -3.97 -3.06
CA ASP B 27 0.45 -3.72 -3.05
C ASP B 27 -0.28 -4.78 -2.23
N GLY B 28 0.47 -5.73 -1.70
CA GLY B 28 -0.11 -6.92 -1.09
C GLY B 28 -1.12 -6.70 0.01
N CYS B 29 -0.98 -5.62 0.77
CA CYS B 29 -1.89 -5.39 1.88
C CYS B 29 -3.28 -4.99 1.37
N ASP B 30 -3.33 -4.40 0.19
CA ASP B 30 -4.61 -4.01 -0.41
C ASP B 30 -5.17 -5.09 -1.32
N GLU B 31 -4.28 -5.95 -1.83
CA GLU B 31 -4.70 -6.88 -2.88
C GLU B 31 -4.73 -8.34 -2.42
N GLU B 32 -4.01 -8.65 -1.35
CA GLU B 32 -3.97 -10.01 -0.80
C GLU B 32 -4.73 -10.11 0.52
N LEU B 33 -5.52 -11.17 0.68
CA LEU B 33 -6.33 -11.36 1.88
C LEU B 33 -5.48 -11.64 3.12
N PRO B 34 -5.91 -11.09 4.26
CA PRO B 34 -5.28 -11.45 5.54
C PRO B 34 -5.95 -12.69 6.14
N PHE B 35 -5.17 -13.65 6.61
CA PHE B 35 -5.77 -14.80 7.27
C PHE B 35 -4.85 -15.44 8.32
N GLN B 36 -5.47 -16.00 9.35
CA GLN B 36 -4.76 -16.81 10.32
C GLN B 36 -4.97 -18.28 10.03
N GLU B 37 -4.08 -19.12 10.57
CA GLU B 37 -4.22 -20.56 10.43
C GLU B 37 -5.54 -21.01 11.04
N GLY B 38 -6.27 -21.84 10.30
CA GLY B 38 -7.56 -22.33 10.72
C GLY B 38 -8.71 -21.62 10.01
N ASP B 39 -8.41 -20.49 9.38
CA ASP B 39 -9.43 -19.77 8.59
C ASP B 39 -9.89 -20.53 7.36
N THR B 40 -11.21 -20.44 7.12
CA THR B 40 -11.85 -21.06 5.96
C THR B 40 -12.21 -20.00 4.91
N ILE B 41 -11.74 -20.21 3.68
CA ILE B 41 -11.88 -19.22 2.62
C ILE B 41 -12.73 -19.69 1.43
N LYS B 42 -13.68 -18.88 1.01
CA LYS B 42 -14.42 -19.17 -0.23
C LYS B 42 -13.58 -18.72 -1.42
N VAL B 43 -13.03 -19.68 -2.16
CA VAL B 43 -12.18 -19.36 -3.30
C VAL B 43 -12.93 -19.60 -4.60
N PHE B 44 -12.84 -18.64 -5.53
CA PHE B 44 -13.58 -18.70 -6.79
C PHE B 44 -12.70 -18.95 -8.01
N GLY B 45 -13.09 -19.90 -8.85
CA GLY B 45 -12.30 -20.17 -10.04
C GLY B 45 -11.12 -21.07 -9.72
N ASP B 46 -10.04 -20.91 -10.47
CA ASP B 46 -8.86 -21.75 -10.32
C ASP B 46 -7.65 -20.93 -9.90
N LYS B 47 -6.56 -21.62 -9.60
CA LYS B 47 -5.30 -20.94 -9.33
C LYS B 47 -4.94 -20.15 -10.58
N ASP B 48 -4.51 -18.89 -10.43
CA ASP B 48 -4.12 -18.14 -11.61
C ASP B 48 -2.66 -18.43 -11.91
N ALA B 49 -2.16 -17.86 -13.01
CA ALA B 49 -0.81 -18.12 -13.50
C ALA B 49 0.28 -17.77 -12.51
N ASP B 50 -0.04 -16.90 -11.56
CA ASP B 50 0.94 -16.45 -10.61
C ASP B 50 1.05 -17.44 -9.46
N GLY B 51 0.01 -18.24 -9.29
CA GLY B 51 0.02 -19.24 -8.24
C GLY B 51 -0.91 -18.84 -7.12
N PHE B 52 -1.79 -17.89 -7.40
CA PHE B 52 -2.71 -17.37 -6.39
C PHE B 52 -4.14 -17.85 -6.64
N TYR B 53 -4.85 -18.11 -5.56
CA TYR B 53 -6.29 -18.32 -5.65
C TYR B 53 -6.94 -16.96 -5.46
N TRP B 54 -8.14 -16.78 -6.01
CA TRP B 54 -8.90 -15.57 -5.74
C TRP B 54 -10.10 -15.98 -4.92
N GLY B 55 -10.29 -15.32 -3.78
CA GLY B 55 -11.36 -15.77 -2.91
C GLY B 55 -11.87 -14.74 -1.94
N GLU B 56 -12.77 -15.18 -1.06
CA GLU B 56 -13.50 -14.30 -0.16
C GLU B 56 -13.36 -14.74 1.29
N LEU B 57 -13.17 -13.78 2.18
CA LEU B 57 -13.06 -14.05 3.60
C LEU B 57 -13.41 -12.82 4.40
N ARG B 58 -14.37 -12.97 5.33
CA ARG B 58 -14.83 -11.89 6.19
C ARG B 58 -15.30 -10.69 5.38
N GLY B 59 -16.10 -10.97 4.36
CA GLY B 59 -16.72 -9.93 3.54
C GLY B 59 -15.75 -9.30 2.57
N ARG B 60 -14.49 -9.74 2.60
CA ARG B 60 -13.47 -9.19 1.72
C ARG B 60 -13.02 -10.19 0.66
N ARG B 61 -12.79 -9.68 -0.54
CA ARG B 61 -12.31 -10.47 -1.66
C ARG B 61 -10.88 -10.09 -1.98
N GLY B 62 -10.06 -11.05 -2.36
CA GLY B 62 -8.66 -10.79 -2.60
C GLY B 62 -7.91 -12.02 -3.08
N TYR B 63 -6.61 -11.89 -3.21
CA TYR B 63 -5.80 -12.98 -3.73
C TYR B 63 -5.15 -13.80 -2.63
N VAL B 64 -5.04 -15.10 -2.88
CA VAL B 64 -4.54 -16.04 -1.89
C VAL B 64 -3.46 -16.93 -2.50
N PRO B 65 -2.26 -16.90 -1.92
CA PRO B 65 -1.18 -17.76 -2.39
C PRO B 65 -1.46 -19.23 -2.17
N HIS B 66 -1.19 -20.04 -3.19
CA HIS B 66 -1.58 -21.43 -3.16
C HIS B 66 -0.81 -22.21 -2.10
N ASN B 67 0.41 -21.74 -1.80
CA ASN B 67 1.30 -22.45 -0.89
C ASN B 67 0.96 -22.21 0.58
N MET B 68 -0.15 -21.52 0.84
CA MET B 68 -0.53 -21.21 2.21
C MET B 68 -1.85 -21.87 2.59
N VAL B 69 -2.58 -22.37 1.61
CA VAL B 69 -3.93 -22.90 1.85
C VAL B 69 -4.10 -24.32 1.31
N SER B 70 -5.04 -25.05 1.89
CA SER B 70 -5.38 -26.39 1.40
C SER B 70 -6.88 -26.54 1.16
N GLU B 71 -7.27 -26.97 -0.04
CA GLU B 71 -8.69 -27.20 -0.33
C GLU B 71 -9.25 -28.31 0.54
N VAL B 72 -10.48 -28.11 1.01
CA VAL B 72 -11.15 -29.12 1.83
C VAL B 72 -11.82 -30.18 0.96
N PHE C 8 -19.46 10.23 14.24
CA PHE C 8 -20.60 9.51 13.67
C PHE C 8 -21.75 10.41 13.21
N ARG C 9 -21.64 10.91 12.00
CA ARG C 9 -22.68 11.75 11.41
C ARG C 9 -23.18 11.18 10.08
N TYR C 10 -24.40 11.52 9.70
CA TYR C 10 -24.92 11.12 8.41
C TYR C 10 -24.87 12.27 7.41
N PHE C 11 -24.39 11.97 6.20
CA PHE C 11 -24.40 12.93 5.11
C PHE C 11 -25.16 12.27 3.99
N VAL C 12 -25.91 13.05 3.22
CA VAL C 12 -26.61 12.51 2.07
C VAL C 12 -25.92 13.01 0.82
N ALA C 13 -25.77 12.10 -0.13
CA ALA C 13 -25.13 12.43 -1.38
C ALA C 13 -26.00 13.36 -2.20
N MET C 14 -25.41 14.45 -2.69
CA MET C 14 -26.16 15.39 -3.50
C MET C 14 -26.00 15.01 -4.97
N PHE C 15 -24.97 14.22 -5.26
CA PHE C 15 -24.62 13.90 -6.63
C PHE C 15 -24.22 12.45 -6.76
N ASP C 16 -24.34 11.90 -7.96
CA ASP C 16 -23.72 10.61 -8.25
C ASP C 16 -22.21 10.84 -8.27
N TYR C 17 -21.42 9.90 -7.76
CA TYR C 17 -19.96 10.05 -7.82
C TYR C 17 -19.19 8.75 -8.11
N ASP C 18 -18.46 8.76 -9.22
CA ASP C 18 -17.65 7.64 -9.64
C ASP C 18 -16.18 7.98 -9.69
N PRO C 19 -15.45 7.67 -8.61
CA PRO C 19 -14.03 8.00 -8.50
C PRO C 19 -13.19 7.50 -9.68
N SER C 20 -13.64 6.45 -10.35
CA SER C 20 -12.95 5.95 -11.54
C SER C 20 -12.90 6.97 -12.67
N THR C 21 -14.01 7.68 -12.88
CA THR C 21 -14.13 8.54 -14.06
C THR C 21 -14.21 10.02 -13.69
N MET C 22 -14.33 10.30 -12.40
CA MET C 22 -14.61 11.66 -11.94
C MET C 22 -13.58 12.22 -10.96
N SER C 23 -12.70 11.35 -10.46
CA SER C 23 -11.69 11.76 -9.50
C SER C 23 -10.35 12.11 -10.15
N PRO C 24 -9.72 13.19 -9.67
CA PRO C 24 -8.39 13.64 -10.10
C PRO C 24 -7.28 12.81 -9.48
N ASN C 25 -7.66 11.93 -8.57
CA ASN C 25 -6.74 11.06 -7.89
C ASN C 25 -6.74 9.68 -8.53
N PRO C 26 -5.56 9.25 -9.01
CA PRO C 26 -5.41 7.96 -9.69
C PRO C 26 -5.68 6.79 -8.76
N ASP C 27 -5.63 7.05 -7.45
CA ASP C 27 -5.88 6.03 -6.44
C ASP C 27 -7.34 6.05 -5.99
N GLY C 28 -8.10 6.98 -6.55
CA GLY C 28 -9.48 7.22 -6.14
C GLY C 28 -10.38 6.01 -6.22
N CYS C 29 -10.05 5.10 -7.13
CA CYS C 29 -10.86 3.91 -7.38
C CYS C 29 -10.83 2.97 -6.17
N ASP C 30 -9.71 2.98 -5.46
CA ASP C 30 -9.54 2.17 -4.26
C ASP C 30 -9.82 2.93 -2.97
N GLU C 31 -9.67 4.24 -3.02
CA GLU C 31 -9.63 4.99 -1.77
C GLU C 31 -10.84 5.89 -1.50
N GLU C 32 -11.57 6.27 -2.55
CA GLU C 32 -12.76 7.12 -2.36
C GLU C 32 -14.04 6.32 -2.57
N LEU C 33 -15.03 6.54 -1.70
CA LEU C 33 -16.28 5.81 -1.78
C LEU C 33 -17.09 6.17 -3.02
N PRO C 34 -17.73 5.16 -3.64
CA PRO C 34 -18.66 5.37 -4.74
C PRO C 34 -20.06 5.60 -4.19
N PHE C 35 -20.76 6.61 -4.71
CA PHE C 35 -22.13 6.82 -4.24
C PHE C 35 -22.99 7.50 -5.30
N GLN C 36 -24.28 7.19 -5.24
CA GLN C 36 -25.27 7.88 -6.06
C GLN C 36 -25.99 8.92 -5.22
N GLU C 37 -26.62 9.89 -5.87
CA GLU C 37 -27.39 10.91 -5.18
C GLU C 37 -28.52 10.35 -4.32
N GLY C 38 -28.61 10.85 -3.09
CA GLY C 38 -29.64 10.41 -2.17
C GLY C 38 -29.10 9.39 -1.18
N ASP C 39 -27.91 8.87 -1.47
CA ASP C 39 -27.27 7.93 -0.57
C ASP C 39 -26.89 8.60 0.75
N THR C 40 -27.12 7.88 1.85
CA THR C 40 -26.79 8.41 3.15
C THR C 40 -25.53 7.73 3.63
N ILE C 41 -24.52 8.53 3.97
CA ILE C 41 -23.22 7.99 4.34
C ILE C 41 -22.94 8.27 5.80
N LYS C 42 -22.53 7.21 6.51
CA LYS C 42 -22.15 7.31 7.92
C LYS C 42 -20.70 7.82 8.00
N VAL C 43 -20.52 9.06 8.44
CA VAL C 43 -19.20 9.69 8.48
C VAL C 43 -18.63 9.73 9.88
N PHE C 44 -17.36 9.34 10.00
CA PHE C 44 -16.68 9.27 11.28
C PHE C 44 -15.61 10.34 11.38
N GLY C 45 -15.59 11.08 12.49
CA GLY C 45 -14.62 12.14 12.68
C GLY C 45 -15.01 13.42 11.96
N ASP C 46 -14.04 14.23 11.59
CA ASP C 46 -14.31 15.49 10.90
C ASP C 46 -13.63 15.53 9.53
N LYS C 47 -13.94 16.57 8.76
CA LYS C 47 -13.32 16.80 7.45
C LYS C 47 -11.81 16.98 7.57
N ASP C 48 -11.05 16.36 6.67
CA ASP C 48 -9.59 16.47 6.72
C ASP C 48 -9.05 17.68 5.94
N ALA C 49 -7.73 17.83 5.97
CA ALA C 49 -7.05 18.95 5.33
C ALA C 49 -7.31 19.02 3.83
N ASP C 50 -7.67 17.89 3.24
CA ASP C 50 -7.94 17.80 1.81
C ASP C 50 -9.40 18.14 1.48
N GLY C 51 -10.27 18.03 2.46
CA GLY C 51 -11.67 18.34 2.25
C GLY C 51 -12.50 17.06 2.20
N PHE C 52 -11.91 15.97 2.66
CA PHE C 52 -12.56 14.67 2.59
C PHE C 52 -13.08 14.18 3.94
N TYR C 53 -14.26 13.55 3.92
CA TYR C 53 -14.73 12.78 5.06
C TYR C 53 -14.34 11.32 4.88
N TRP C 54 -14.22 10.59 5.98
CA TRP C 54 -13.99 9.15 5.95
CA TRP C 54 -14.00 9.15 5.93
C TRP C 54 -15.22 8.45 6.51
N GLY C 55 -15.78 7.51 5.77
CA GLY C 55 -17.05 6.93 6.18
C GLY C 55 -17.36 5.57 5.62
N GLU C 56 -18.61 5.16 5.83
CA GLU C 56 -19.10 3.84 5.47
C GLU C 56 -20.31 3.92 4.55
N LEU C 57 -20.32 3.05 3.55
CA LEU C 57 -21.45 2.93 2.64
C LEU C 57 -21.47 1.55 2.02
N ARG C 58 -22.58 0.83 2.22
CA ARG C 58 -22.75 -0.53 1.70
C ARG C 58 -21.62 -1.48 2.09
N GLY C 59 -21.25 -1.43 3.38
CA GLY C 59 -20.22 -2.32 3.90
C GLY C 59 -18.81 -1.92 3.55
N ARG C 60 -18.66 -0.83 2.81
CA ARG C 60 -17.35 -0.38 2.39
C ARG C 60 -16.96 0.95 3.06
N ARG C 61 -15.69 1.06 3.44
CA ARG C 61 -15.17 2.31 3.98
C ARG C 61 -14.20 2.99 3.03
N GLY C 62 -14.20 4.32 3.06
CA GLY C 62 -13.38 5.12 2.15
C GLY C 62 -13.55 6.61 2.41
N TYR C 63 -12.98 7.41 1.53
CA TYR C 63 -13.01 8.86 1.67
C TYR C 63 -14.14 9.46 0.85
N VAL C 64 -14.69 10.56 1.36
CA VAL C 64 -15.84 11.20 0.76
C VAL C 64 -15.56 12.68 0.57
N PRO C 65 -15.61 13.16 -0.68
CA PRO C 65 -15.40 14.59 -0.93
C PRO C 65 -16.54 15.41 -0.37
N HIS C 66 -16.22 16.47 0.37
CA HIS C 66 -17.23 17.20 1.12
C HIS C 66 -18.21 17.97 0.24
N ASN C 67 -17.78 18.33 -0.96
CA ASN C 67 -18.58 19.14 -1.88
C ASN C 67 -19.61 18.33 -2.66
N MET C 68 -19.75 17.06 -2.34
CA MET C 68 -20.66 16.18 -3.05
C MET C 68 -21.76 15.70 -2.12
N VAL C 69 -21.58 15.95 -0.83
CA VAL C 69 -22.48 15.47 0.21
C VAL C 69 -22.96 16.62 1.09
N SER C 70 -24.10 16.44 1.75
CA SER C 70 -24.61 17.43 2.68
C SER C 70 -24.89 16.74 4.00
N GLU C 71 -24.38 17.31 5.09
CA GLU C 71 -24.64 16.77 6.42
C GLU C 71 -26.10 16.80 6.83
N VAL C 72 -26.56 15.69 7.39
CA VAL C 72 -27.88 15.61 8.00
C VAL C 72 -27.72 16.11 9.43
N GLU C 73 -28.16 17.33 9.66
CA GLU C 73 -28.13 17.95 10.97
C GLU C 73 -29.39 17.63 11.79
N PHE D 8 14.89 -20.48 -2.48
CA PHE D 8 15.60 -19.38 -1.85
C PHE D 8 17.11 -19.49 -2.12
N ARG D 9 17.74 -18.35 -2.35
CA ARG D 9 19.18 -18.35 -2.55
C ARG D 9 19.79 -17.43 -1.49
N TYR D 10 21.06 -17.65 -1.17
CA TYR D 10 21.76 -16.82 -0.19
C TYR D 10 22.67 -15.77 -0.80
N PHE D 11 22.61 -14.58 -0.21
CA PHE D 11 23.55 -13.52 -0.54
C PHE D 11 24.27 -13.12 0.74
N VAL D 12 25.53 -12.75 0.61
CA VAL D 12 26.30 -12.28 1.73
C VAL D 12 26.49 -10.78 1.57
N ALA D 13 26.30 -10.05 2.66
CA ALA D 13 26.46 -8.62 2.65
C ALA D 13 27.94 -8.24 2.49
N MET D 14 28.23 -7.36 1.53
CA MET D 14 29.61 -6.91 1.31
C MET D 14 29.84 -5.63 2.09
N PHE D 15 28.76 -4.97 2.46
CA PHE D 15 28.83 -3.64 3.05
C PHE D 15 27.83 -3.46 4.17
N ASP D 16 28.13 -2.56 5.11
CA ASP D 16 27.11 -2.12 6.03
C ASP D 16 26.11 -1.31 5.22
N TYR D 17 24.82 -1.46 5.50
CA TYR D 17 23.79 -0.67 4.83
C TYR D 17 22.70 -0.27 5.81
N ASP D 18 22.61 1.03 6.02
CA ASP D 18 21.63 1.61 6.91
C ASP D 18 20.74 2.48 6.05
N PRO D 19 19.61 1.91 5.61
CA PRO D 19 18.67 2.58 4.70
C PRO D 19 18.25 3.95 5.20
N SER D 20 18.30 4.15 6.51
CA SER D 20 17.95 5.42 7.10
C SER D 20 18.84 6.56 6.61
N THR D 21 20.14 6.30 6.51
CA THR D 21 21.12 7.35 6.23
C THR D 21 21.80 7.19 4.88
N MET D 22 21.51 6.09 4.19
CA MET D 22 22.23 5.72 2.99
C MET D 22 21.34 5.52 1.76
N SER D 23 20.02 5.49 1.97
CA SER D 23 19.09 5.27 0.86
C SER D 23 18.54 6.55 0.24
N PRO D 24 18.47 6.58 -1.10
CA PRO D 24 17.86 7.69 -1.83
C PRO D 24 16.34 7.62 -1.80
N ASN D 25 15.84 6.53 -1.24
CA ASN D 25 14.42 6.30 -1.12
C ASN D 25 13.93 6.66 0.28
N PRO D 26 12.99 7.61 0.36
CA PRO D 26 12.44 8.10 1.63
C PRO D 26 11.65 7.03 2.38
N ASP D 27 11.29 5.96 1.65
CA ASP D 27 10.55 4.83 2.22
C ASP D 27 11.50 3.72 2.64
N GLY D 28 12.79 3.92 2.39
CA GLY D 28 13.80 2.90 2.65
C GLY D 28 13.85 2.43 4.09
N CYS D 29 13.45 3.29 5.00
CA CYS D 29 13.52 2.97 6.44
C CYS D 29 12.53 1.89 6.87
N ASP D 30 11.36 1.87 6.23
CA ASP D 30 10.33 0.87 6.51
C ASP D 30 10.29 -0.26 5.49
N GLU D 31 10.84 -0.02 4.30
CA GLU D 31 10.69 -0.96 3.20
C GLU D 31 11.97 -1.71 2.84
N GLU D 32 13.14 -1.17 3.21
CA GLU D 32 14.40 -1.82 2.87
C GLU D 32 15.12 -2.45 4.08
N LEU D 33 15.63 -3.67 3.92
CA LEU D 33 16.31 -4.38 5.01
C LEU D 33 17.63 -3.74 5.41
N PRO D 34 17.90 -3.71 6.72
CA PRO D 34 19.17 -3.30 7.31
C PRO D 34 20.13 -4.48 7.43
N PHE D 35 21.40 -4.31 7.05
CA PHE D 35 22.36 -5.38 7.23
C PHE D 35 23.77 -4.87 7.39
N GLN D 36 24.56 -5.63 8.15
CA GLN D 36 26.00 -5.41 8.29
C GLN D 36 26.78 -6.40 7.45
N GLU D 37 28.05 -6.11 7.23
CA GLU D 37 28.95 -7.00 6.49
C GLU D 37 29.06 -8.40 7.07
N GLY D 38 28.93 -9.41 6.21
CA GLY D 38 29.04 -10.78 6.65
C GLY D 38 27.68 -11.41 6.84
N ASP D 39 26.67 -10.56 6.87
CA ASP D 39 25.31 -11.04 7.01
C ASP D 39 24.92 -11.85 5.79
N THR D 40 24.25 -12.96 6.03
CA THR D 40 23.77 -13.81 4.96
C THR D 40 22.29 -13.57 4.88
N ILE D 41 21.80 -13.23 3.70
CA ILE D 41 20.42 -12.84 3.56
C ILE D 41 19.70 -13.90 2.75
N LYS D 42 18.57 -14.37 3.26
CA LYS D 42 17.77 -15.37 2.59
C LYS D 42 16.94 -14.67 1.52
N VAL D 43 17.32 -14.81 0.25
CA VAL D 43 16.63 -14.10 -0.83
C VAL D 43 15.72 -15.00 -1.65
N PHE D 44 14.50 -14.54 -1.90
CA PHE D 44 13.53 -15.32 -2.67
C PHE D 44 13.25 -14.68 -4.02
N GLY D 45 13.31 -15.47 -5.08
CA GLY D 45 13.07 -14.98 -6.43
C GLY D 45 14.31 -14.28 -6.93
N ASP D 46 14.16 -13.38 -7.91
CA ASP D 46 15.34 -12.70 -8.43
C ASP D 46 15.18 -11.17 -8.38
N LYS D 47 16.23 -10.47 -8.78
CA LYS D 47 16.27 -9.00 -8.87
C LYS D 47 15.19 -8.39 -9.77
N ASP D 48 14.59 -7.30 -9.30
CA ASP D 48 13.58 -6.57 -10.05
C ASP D 48 14.15 -5.49 -10.98
N ALA D 49 13.27 -4.80 -11.68
CA ALA D 49 13.67 -3.74 -12.63
C ALA D 49 14.40 -2.60 -11.93
N ASP D 50 14.18 -2.46 -10.63
CA ASP D 50 14.79 -1.40 -9.86
C ASP D 50 16.20 -1.78 -9.38
N GLY D 51 16.48 -3.08 -9.33
CA GLY D 51 17.78 -3.57 -8.94
C GLY D 51 17.81 -4.17 -7.55
N PHE D 52 16.62 -4.47 -7.03
CA PHE D 52 16.52 -4.98 -5.67
C PHE D 52 16.16 -6.44 -5.57
N TYR D 53 16.76 -7.14 -4.60
CA TYR D 53 16.30 -8.45 -4.23
C TYR D 53 15.30 -8.31 -3.11
N TRP D 54 14.40 -9.27 -2.99
CA TRP D 54 13.50 -9.32 -1.85
C TRP D 54 13.87 -10.53 -1.02
N GLY D 55 14.06 -10.31 0.28
CA GLY D 55 14.52 -11.40 1.11
C GLY D 55 14.23 -11.26 2.58
N GLU D 56 14.80 -12.17 3.36
CA GLU D 56 14.52 -12.26 4.79
C GLU D 56 15.82 -12.20 5.58
N LEU D 57 15.80 -11.44 6.67
CA LEU D 57 16.97 -11.34 7.52
C LEU D 57 16.51 -10.96 8.90
N ARG D 58 16.87 -11.76 9.89
CA ARG D 58 16.47 -11.54 11.27
C ARG D 58 14.94 -11.41 11.41
N GLY D 59 14.24 -12.31 10.72
CA GLY D 59 12.80 -12.38 10.82
C GLY D 59 12.06 -11.29 10.06
N ARG D 60 12.81 -10.41 9.40
CA ARG D 60 12.20 -9.32 8.65
C ARG D 60 12.39 -9.49 7.14
N ARG D 61 11.35 -9.13 6.40
CA ARG D 61 11.42 -9.12 4.95
C ARG D 61 11.32 -7.69 4.43
N GLY D 62 12.05 -7.43 3.35
CA GLY D 62 12.17 -6.11 2.77
C GLY D 62 13.07 -6.23 1.57
N TYR D 63 13.45 -5.10 0.99
CA TYR D 63 14.24 -5.10 -0.23
C TYR D 63 15.73 -4.93 0.00
N VAL D 64 16.52 -5.56 -0.87
CA VAL D 64 17.98 -5.60 -0.75
C VAL D 64 18.61 -5.17 -2.07
N PRO D 65 19.42 -4.09 -2.03
CA PRO D 65 20.08 -3.62 -3.25
C PRO D 65 21.15 -4.60 -3.76
N HIS D 66 21.12 -4.87 -5.07
CA HIS D 66 21.95 -5.93 -5.65
C HIS D 66 23.43 -5.59 -5.59
N ASN D 67 23.71 -4.29 -5.57
CA ASN D 67 25.09 -3.81 -5.58
C ASN D 67 25.75 -3.84 -4.20
N MET D 68 25.05 -4.39 -3.21
CA MET D 68 25.55 -4.41 -1.85
C MET D 68 25.78 -5.82 -1.32
N VAL D 69 25.31 -6.82 -2.06
CA VAL D 69 25.31 -8.21 -1.60
C VAL D 69 25.98 -9.14 -2.61
N SER D 70 26.45 -10.31 -2.15
CA SER D 70 27.05 -11.25 -3.08
C SER D 70 26.35 -12.58 -3.05
N GLU D 71 25.93 -13.02 -4.23
CA GLU D 71 25.22 -14.28 -4.40
C GLU D 71 26.02 -15.52 -4.03
N VAL D 72 25.41 -16.41 -3.25
CA VAL D 72 26.02 -17.70 -2.96
C VAL D 72 25.61 -18.74 -3.99
N PHE E 8 33.35 9.97 29.45
CA PHE E 8 32.93 9.19 28.28
C PHE E 8 32.85 7.68 28.52
N ARG E 9 31.77 7.06 28.05
CA ARG E 9 31.58 5.62 28.24
C ARG E 9 31.34 4.75 27.00
N TYR E 10 31.69 3.49 27.14
CA TYR E 10 31.44 2.45 26.13
C TYR E 10 30.29 1.52 26.56
N PHE E 11 29.42 1.19 25.61
CA PHE E 11 28.36 0.19 25.82
C PHE E 11 28.42 -0.93 24.79
N VAL E 12 28.04 -2.13 25.20
CA VAL E 12 27.92 -3.26 24.29
C VAL E 12 26.45 -3.60 24.10
N ALA E 13 26.05 -3.82 22.86
CA ALA E 13 24.67 -4.13 22.57
C ALA E 13 24.36 -5.52 23.10
N MET E 14 23.27 -5.63 23.86
CA MET E 14 22.89 -6.90 24.44
C MET E 14 21.93 -7.62 23.52
N PHE E 15 21.38 -6.87 22.57
CA PHE E 15 20.32 -7.37 21.71
C PHE E 15 20.44 -6.83 20.28
N ASP E 16 19.89 -7.53 19.30
CA ASP E 16 19.69 -6.93 17.99
C ASP E 16 18.59 -5.90 18.16
N TYR E 17 18.72 -4.74 17.53
CA TYR E 17 17.68 -3.72 17.60
C TYR E 17 17.51 -3.00 16.27
N ASP E 18 16.32 -3.15 15.71
CA ASP E 18 15.96 -2.49 14.46
C ASP E 18 14.81 -1.55 14.74
N PRO E 19 15.14 -0.28 15.01
CA PRO E 19 14.19 0.77 15.40
C PRO E 19 13.00 0.93 14.44
N SER E 20 13.19 0.58 13.18
CA SER E 20 12.13 0.61 12.19
C SER E 20 10.98 -0.30 12.58
N THR E 21 11.34 -1.46 13.15
CA THR E 21 10.35 -2.50 13.42
C THR E 21 10.13 -2.76 14.90
N MET E 22 10.95 -2.16 15.76
CA MET E 22 10.94 -2.53 17.18
C MET E 22 10.71 -1.36 18.13
N SER E 23 10.77 -0.15 17.62
CA SER E 23 10.60 1.05 18.44
C SER E 23 9.15 1.52 18.43
N PRO E 24 8.65 1.91 19.60
CA PRO E 24 7.31 2.46 19.77
C PRO E 24 7.23 3.90 19.27
N ASN E 25 8.38 4.44 18.90
CA ASN E 25 8.45 5.81 18.39
C ASN E 25 8.49 5.82 16.87
N PRO E 26 7.51 6.51 16.26
CA PRO E 26 7.30 6.64 14.82
C PRO E 26 8.45 7.36 14.13
N ASP E 27 9.29 8.03 14.92
CA ASP E 27 10.48 8.69 14.41
C ASP E 27 11.71 7.81 14.59
N GLY E 28 11.51 6.63 15.20
CA GLY E 28 12.63 5.81 15.64
C GLY E 28 13.68 5.37 14.64
N CYS E 29 13.31 5.18 13.38
CA CYS E 29 14.28 4.72 12.40
C CYS E 29 15.29 5.80 12.06
N ASP E 30 14.85 7.06 12.14
CA ASP E 30 15.70 8.19 11.80
C ASP E 30 16.41 8.79 13.01
N GLU E 31 15.88 8.57 14.21
CA GLU E 31 16.47 9.20 15.40
C GLU E 31 17.19 8.23 16.34
N GLU E 32 16.86 6.93 16.25
CA GLU E 32 17.48 5.93 17.13
C GLU E 32 18.47 5.05 16.36
N LEU E 33 19.65 4.81 16.94
CA LEU E 33 20.67 4.00 16.28
C LEU E 33 20.28 2.51 16.17
N PRO E 34 20.61 1.89 15.02
CA PRO E 34 20.48 0.46 14.73
C PRO E 34 21.73 -0.32 15.15
N PHE E 35 21.56 -1.48 15.78
CA PHE E 35 22.71 -2.28 16.19
C PHE E 35 22.48 -3.79 16.32
N GLN E 36 23.56 -4.56 16.16
CA GLN E 36 23.51 -6.00 16.45
C GLN E 36 24.06 -6.25 17.85
N GLU E 37 23.70 -7.37 18.45
CA GLU E 37 24.26 -7.76 19.75
C GLU E 37 25.76 -7.91 19.61
N GLY E 38 26.51 -7.36 20.58
CA GLY E 38 27.95 -7.48 20.56
C GLY E 38 28.63 -6.24 20.03
N ASP E 39 27.84 -5.37 19.40
CA ASP E 39 28.33 -4.10 18.90
C ASP E 39 28.77 -3.25 20.08
N THR E 40 29.88 -2.53 19.91
CA THR E 40 30.36 -1.65 20.98
C THR E 40 29.98 -0.24 20.59
N ILE E 41 29.31 0.47 21.50
CA ILE E 41 28.75 1.77 21.19
C ILE E 41 29.43 2.90 21.96
N LYS E 42 29.78 3.95 21.22
CA LYS E 42 30.41 5.14 21.76
C LYS E 42 29.31 6.01 22.35
N VAL E 43 29.14 6.07 23.67
CA VAL E 43 28.05 6.86 24.26
C VAL E 43 28.51 8.16 24.93
N PHE E 44 27.83 9.26 24.62
CA PHE E 44 28.19 10.58 25.14
C PHE E 44 27.21 11.12 26.15
N GLY E 45 27.73 11.57 27.29
CA GLY E 45 26.91 12.10 28.36
C GLY E 45 26.27 11.00 29.19
N ASP E 46 25.14 11.33 29.81
CA ASP E 46 24.42 10.40 30.66
C ASP E 46 22.98 10.23 30.15
N LYS E 47 22.20 9.38 30.81
CA LYS E 47 20.79 9.19 30.45
C LYS E 47 19.96 10.47 30.54
N ASP E 48 19.11 10.67 29.53
CA ASP E 48 18.18 11.79 29.52
C ASP E 48 16.92 11.35 30.23
N ALA E 49 15.98 12.27 30.40
CA ALA E 49 14.74 11.99 31.14
C ALA E 49 13.89 10.88 30.53
N ASP E 50 14.08 10.62 29.24
CA ASP E 50 13.32 9.60 28.54
C ASP E 50 13.92 8.20 28.70
N GLY E 51 15.20 8.14 29.05
CA GLY E 51 15.87 6.87 29.29
C GLY E 51 16.84 6.45 28.20
N PHE E 52 17.20 7.38 27.33
CA PHE E 52 18.06 7.07 26.20
C PHE E 52 19.47 7.62 26.34
N TYR E 53 20.45 6.85 25.88
CA TYR E 53 21.80 7.36 25.73
C TYR E 53 21.93 7.93 24.32
N TRP E 54 22.85 8.88 24.15
CA TRP E 54 23.17 9.39 22.83
C TRP E 54 24.58 8.98 22.45
N GLY E 55 24.73 8.39 21.27
CA GLY E 55 26.02 7.84 20.93
C GLY E 55 26.37 7.64 19.47
N GLU E 56 27.50 6.97 19.25
CA GLU E 56 28.07 6.78 17.93
C GLU E 56 28.29 5.31 17.60
N LEU E 57 27.91 4.93 16.38
CA LEU E 57 28.17 3.58 15.89
C LEU E 57 28.20 3.61 14.36
N ARG E 58 29.31 3.15 13.80
CA ARG E 58 29.51 3.12 12.35
C ARG E 58 29.34 4.47 11.66
N GLY E 59 29.92 5.52 12.24
CA GLY E 59 29.90 6.84 11.62
C GLY E 59 28.60 7.59 11.69
N ARG E 60 27.58 6.98 12.30
CA ARG E 60 26.29 7.62 12.46
C ARG E 60 26.13 7.92 13.93
N ARG E 61 25.59 9.08 14.27
CA ARG E 61 25.41 9.39 15.68
C ARG E 61 23.90 9.46 15.99
N GLY E 62 23.49 9.02 17.19
CA GLY E 62 22.07 8.93 17.52
C GLY E 62 21.72 8.46 18.93
N TYR E 63 20.43 8.19 19.17
CA TYR E 63 19.95 7.81 20.50
C TYR E 63 19.84 6.30 20.71
N VAL E 64 20.15 5.88 21.93
CA VAL E 64 20.24 4.46 22.28
C VAL E 64 19.46 4.13 23.55
N PRO E 65 18.51 3.18 23.45
CA PRO E 65 17.76 2.74 24.63
C PRO E 65 18.66 2.00 25.62
N HIS E 66 18.59 2.35 26.89
CA HIS E 66 19.55 1.83 27.87
C HIS E 66 19.36 0.35 28.18
N ASN E 67 18.13 -0.12 28.02
CA ASN E 67 17.79 -1.49 28.37
C ASN E 67 18.21 -2.49 27.31
N MET E 68 18.94 -2.00 26.32
CA MET E 68 19.38 -2.83 25.20
C MET E 68 20.90 -2.91 25.20
N VAL E 69 21.52 -2.10 26.06
CA VAL E 69 22.96 -2.01 26.10
C VAL E 69 23.42 -2.31 27.51
N SER E 70 24.65 -2.77 27.62
CA SER E 70 25.27 -3.00 28.92
C SER E 70 26.60 -2.25 28.92
N GLU E 71 26.78 -1.43 29.96
CA GLU E 71 28.01 -0.66 30.12
C GLU E 71 29.22 -1.55 30.29
N VAL E 72 30.30 -1.17 29.63
CA VAL E 72 31.55 -1.89 29.74
C VAL E 72 32.29 -1.40 30.97
N GLU E 73 32.28 -2.20 32.05
CA GLU E 73 33.10 -1.91 33.22
C GLU E 73 34.03 -3.08 33.54
N PHE F 8 -31.09 -2.13 -29.38
CA PHE F 8 -30.63 -2.46 -28.04
C PHE F 8 -31.71 -3.05 -27.14
N ARG F 9 -31.24 -3.60 -26.02
CA ARG F 9 -32.09 -4.24 -25.01
C ARG F 9 -31.86 -3.59 -23.64
N TYR F 10 -32.86 -3.60 -22.77
CA TYR F 10 -32.68 -3.08 -21.41
C TYR F 10 -32.58 -4.19 -20.37
N PHE F 11 -31.62 -4.02 -19.46
CA PHE F 11 -31.44 -4.95 -18.36
C PHE F 11 -31.56 -4.21 -17.03
N VAL F 12 -32.10 -4.91 -16.03
CA VAL F 12 -32.22 -4.35 -14.70
C VAL F 12 -31.21 -5.02 -13.79
N ALA F 13 -30.51 -4.22 -12.99
CA ALA F 13 -29.56 -4.77 -12.06
C ALA F 13 -30.30 -5.47 -10.94
N MET F 14 -29.96 -6.73 -10.68
CA MET F 14 -30.56 -7.45 -9.56
C MET F 14 -29.68 -7.38 -8.32
N PHE F 15 -28.43 -6.95 -8.51
CA PHE F 15 -27.48 -6.95 -7.40
C PHE F 15 -26.63 -5.68 -7.40
N ASP F 16 -26.18 -5.25 -6.22
CA ASP F 16 -25.18 -4.20 -6.14
C ASP F 16 -23.85 -4.75 -6.64
N TYR F 17 -23.09 -3.94 -7.37
CA TYR F 17 -21.79 -4.35 -7.86
C TYR F 17 -20.82 -3.19 -7.78
N ASP F 18 -19.78 -3.37 -6.96
CA ASP F 18 -18.74 -2.38 -6.78
C ASP F 18 -17.47 -3.04 -7.26
N PRO F 19 -17.14 -2.83 -8.55
CA PRO F 19 -16.03 -3.44 -9.27
C PRO F 19 -14.66 -3.27 -8.61
N SER F 20 -14.49 -2.18 -7.87
CA SER F 20 -13.26 -1.95 -7.13
C SER F 20 -13.05 -3.05 -6.10
N THR F 21 -14.15 -3.46 -5.45
CA THR F 21 -14.10 -4.37 -4.32
C THR F 21 -14.71 -5.74 -4.58
N MET F 22 -15.33 -5.93 -5.74
CA MET F 22 -16.09 -7.16 -5.99
C MET F 22 -15.64 -7.91 -7.24
N SER F 23 -14.78 -7.29 -8.03
CA SER F 23 -14.31 -7.89 -9.27
C SER F 23 -13.02 -8.67 -9.09
N PRO F 24 -12.94 -9.85 -9.73
CA PRO F 24 -11.72 -10.67 -9.75
C PRO F 24 -10.70 -10.08 -10.72
N ASN F 25 -11.13 -9.03 -11.41
CA ASN F 25 -10.31 -8.33 -12.38
C ASN F 25 -9.69 -7.08 -11.77
N PRO F 26 -8.35 -7.02 -11.77
CA PRO F 26 -7.60 -5.90 -11.17
C PRO F 26 -7.84 -4.56 -11.88
N ASP F 27 -8.37 -4.61 -13.10
CA ASP F 27 -8.70 -3.41 -13.86
C ASP F 27 -10.17 -3.03 -13.75
N GLY F 28 -10.94 -3.82 -13.00
CA GLY F 28 -12.39 -3.71 -13.00
C GLY F 28 -13.02 -2.36 -12.71
N CYS F 29 -12.37 -1.53 -11.91
CA CYS F 29 -12.96 -0.25 -11.57
C CYS F 29 -12.96 0.67 -12.79
N ASP F 30 -12.01 0.46 -13.71
CA ASP F 30 -11.91 1.31 -14.89
C ASP F 30 -12.69 0.77 -16.09
N GLU F 31 -12.91 -0.54 -16.13
CA GLU F 31 -13.55 -1.12 -17.30
C GLU F 31 -14.95 -1.69 -17.02
N GLU F 32 -15.26 -1.98 -15.76
CA GLU F 32 -16.58 -2.52 -15.43
C GLU F 32 -17.46 -1.46 -14.79
N LEU F 33 -18.73 -1.42 -15.22
CA LEU F 33 -19.67 -0.44 -14.73
C LEU F 33 -20.05 -0.66 -13.27
N PRO F 34 -20.16 0.45 -12.51
CA PRO F 34 -20.68 0.44 -11.15
C PRO F 34 -22.19 0.59 -11.19
N PHE F 35 -22.91 -0.24 -10.45
CA PHE F 35 -24.35 -0.09 -10.42
C PHE F 35 -24.95 -0.62 -9.14
N GLN F 36 -26.08 -0.04 -8.76
CA GLN F 36 -26.88 -0.53 -7.67
C GLN F 36 -28.08 -1.34 -8.16
N GLU F 37 -28.65 -2.14 -7.27
CA GLU F 37 -29.88 -2.86 -7.56
C GLU F 37 -31.01 -1.90 -7.92
N GLY F 38 -31.72 -2.19 -9.00
CA GLY F 38 -32.82 -1.36 -9.45
C GLY F 38 -32.41 -0.44 -10.59
N ASP F 39 -31.10 -0.30 -10.76
CA ASP F 39 -30.57 0.45 -11.89
C ASP F 39 -30.89 -0.31 -13.16
N THR F 40 -31.31 0.42 -14.19
CA THR F 40 -31.62 -0.20 -15.47
C THR F 40 -30.48 0.11 -16.43
N ILE F 41 -29.95 -0.92 -17.08
CA ILE F 41 -28.78 -0.75 -17.92
C ILE F 41 -29.08 -1.01 -19.39
N LYS F 42 -28.70 -0.04 -20.23
CA LYS F 42 -28.80 -0.20 -21.68
C LYS F 42 -27.58 -0.93 -22.21
N VAL F 43 -27.79 -2.18 -22.62
CA VAL F 43 -26.75 -3.08 -23.12
C VAL F 43 -26.84 -3.20 -24.64
N PHE F 44 -25.71 -3.10 -25.32
CA PHE F 44 -25.71 -3.15 -26.78
C PHE F 44 -25.11 -4.45 -27.29
N GLY F 45 -25.80 -5.11 -28.21
CA GLY F 45 -25.29 -6.35 -28.74
C GLY F 45 -25.55 -7.45 -27.74
N ASP F 46 -24.70 -8.47 -27.76
CA ASP F 46 -24.85 -9.58 -26.85
C ASP F 46 -23.59 -9.70 -25.97
N LYS F 47 -23.64 -10.65 -25.05
CA LYS F 47 -22.56 -11.01 -24.15
C LYS F 47 -21.30 -11.42 -24.92
N ASP F 48 -20.13 -10.98 -24.45
CA ASP F 48 -18.88 -11.37 -25.11
C ASP F 48 -18.41 -12.71 -24.60
N ALA F 49 -17.29 -13.21 -25.12
CA ALA F 49 -16.82 -14.54 -24.77
C ALA F 49 -16.56 -14.72 -23.29
N ASP F 50 -16.30 -13.64 -22.58
CA ASP F 50 -15.97 -13.73 -21.16
C ASP F 50 -17.19 -13.77 -20.27
N GLY F 51 -18.33 -13.36 -20.80
CA GLY F 51 -19.57 -13.38 -20.06
C GLY F 51 -20.06 -12.00 -19.70
N PHE F 52 -19.48 -10.99 -20.35
CA PHE F 52 -19.83 -9.62 -20.04
C PHE F 52 -20.66 -9.02 -21.15
N TYR F 53 -21.65 -8.22 -20.75
CA TYR F 53 -22.35 -7.38 -21.69
C TYR F 53 -21.58 -6.08 -21.73
N TRP F 54 -21.68 -5.36 -22.85
CA TRP F 54 -21.13 -4.02 -22.90
C TRP F 54 -22.32 -3.07 -22.98
N GLY F 55 -22.38 -2.08 -22.10
CA GLY F 55 -23.53 -1.22 -22.06
C GLY F 55 -23.27 0.14 -21.43
N GLU F 56 -24.35 0.88 -21.21
CA GLU F 56 -24.27 2.26 -20.76
C GLU F 56 -25.04 2.50 -19.47
N LEU F 57 -24.45 3.29 -18.58
CA LEU F 57 -25.11 3.69 -17.36
C LEU F 57 -24.53 5.00 -16.85
N ARG F 58 -25.40 5.98 -16.66
CA ARG F 58 -25.03 7.30 -16.16
C ARG F 58 -23.95 7.96 -17.02
N GLY F 59 -24.12 7.88 -18.33
CA GLY F 59 -23.20 8.55 -19.25
C GLY F 59 -21.89 7.83 -19.40
N ARG F 60 -21.74 6.72 -18.70
CA ARG F 60 -20.52 5.93 -18.78
C ARG F 60 -20.83 4.61 -19.46
N ARG F 61 -19.91 4.17 -20.31
CA ARG F 61 -20.05 2.87 -20.93
C ARG F 61 -18.98 1.92 -20.39
N GLY F 62 -19.34 0.65 -20.28
CA GLY F 62 -18.43 -0.33 -19.69
C GLY F 62 -19.02 -1.73 -19.71
N TYR F 63 -18.33 -2.65 -19.05
CA TYR F 63 -18.76 -4.03 -19.06
C TYR F 63 -19.58 -4.44 -17.85
N VAL F 64 -20.57 -5.28 -18.10
CA VAL F 64 -21.53 -5.69 -17.10
C VAL F 64 -21.56 -7.19 -17.05
N PRO F 65 -21.23 -7.77 -15.89
CA PRO F 65 -21.29 -9.23 -15.75
C PRO F 65 -22.72 -9.70 -15.87
N HIS F 66 -22.93 -10.73 -16.66
CA HIS F 66 -24.27 -11.16 -17.02
C HIS F 66 -25.02 -11.78 -15.85
N ASN F 67 -24.25 -12.32 -14.90
CA ASN F 67 -24.80 -13.04 -13.77
C ASN F 67 -25.31 -12.09 -12.69
N MET F 68 -25.33 -10.80 -13.00
CA MET F 68 -25.76 -9.79 -12.05
C MET F 68 -27.00 -9.08 -12.56
N VAL F 69 -27.30 -9.31 -13.85
CA VAL F 69 -28.38 -8.57 -14.49
C VAL F 69 -29.40 -9.48 -15.14
N SER F 70 -30.61 -8.96 -15.28
CA SER F 70 -31.67 -9.67 -15.95
C SER F 70 -32.34 -8.80 -17.00
N GLU F 71 -32.54 -9.37 -18.19
CA GLU F 71 -33.19 -8.68 -19.30
C GLU F 71 -34.60 -8.26 -18.91
N VAL F 72 -35.00 -7.06 -19.31
CA VAL F 72 -36.35 -6.61 -19.04
C VAL F 72 -37.36 -7.14 -20.08
N GLU F 73 -38.06 -8.20 -19.69
CA GLU F 73 -39.23 -8.73 -20.42
C GLU F 73 -40.16 -9.35 -19.40
N PHE G 8 -15.62 -8.44 35.25
CA PHE G 8 -15.69 -9.48 34.23
C PHE G 8 -14.30 -9.89 33.74
N ARG G 9 -14.10 -11.20 33.58
CA ARG G 9 -12.82 -11.73 33.13
C ARG G 9 -12.97 -12.51 31.83
N TYR G 10 -11.88 -12.67 31.10
CA TYR G 10 -11.90 -13.44 29.85
C TYR G 10 -11.33 -14.83 30.05
N PHE G 11 -12.02 -15.84 29.54
CA PHE G 11 -11.55 -17.22 29.61
C PHE G 11 -11.48 -17.84 28.22
N VAL G 12 -10.52 -18.74 27.98
CA VAL G 12 -10.47 -19.45 26.70
C VAL G 12 -10.81 -20.93 26.90
N ALA G 13 -11.65 -21.46 26.02
CA ALA G 13 -12.07 -22.85 26.11
C ALA G 13 -10.92 -23.77 25.77
N MET G 14 -10.70 -24.74 26.64
CA MET G 14 -9.62 -25.70 26.46
C MET G 14 -10.10 -26.97 25.79
N PHE G 15 -11.43 -27.11 25.72
CA PHE G 15 -12.04 -28.32 25.21
C PHE G 15 -13.27 -28.00 24.36
N ASP G 16 -13.63 -28.90 23.44
CA ASP G 16 -14.95 -28.79 22.81
C ASP G 16 -15.96 -29.16 23.89
N TYR G 17 -17.11 -28.48 23.94
CA TYR G 17 -18.14 -28.83 24.92
C TYR G 17 -19.55 -28.70 24.37
N ASP G 18 -20.25 -29.83 24.34
CA ASP G 18 -21.63 -29.92 23.87
C ASP G 18 -22.57 -30.38 24.98
N PRO G 19 -23.22 -29.43 25.67
CA PRO G 19 -24.09 -29.74 26.81
C PRO G 19 -25.18 -30.77 26.53
N SER G 20 -25.62 -30.89 25.29
CA SER G 20 -26.63 -31.89 24.92
C SER G 20 -26.12 -33.31 25.17
N THR G 21 -24.85 -33.55 24.86
CA THR G 21 -24.32 -34.90 24.90
C THR G 21 -23.29 -35.04 26.02
N MET G 22 -22.94 -33.94 26.67
CA MET G 22 -21.84 -33.93 27.62
C MET G 22 -22.22 -33.45 29.03
N SER G 23 -23.42 -32.88 29.19
CA SER G 23 -23.85 -32.39 30.50
C SER G 23 -24.69 -33.38 31.31
N PRO G 24 -24.39 -33.52 32.60
CA PRO G 24 -25.15 -34.36 33.53
C PRO G 24 -26.46 -33.72 33.95
N ASN G 25 -26.63 -32.46 33.56
CA ASN G 25 -27.82 -31.70 33.88
C ASN G 25 -28.79 -31.71 32.71
N PRO G 26 -29.99 -32.24 32.94
CA PRO G 26 -31.08 -32.43 31.96
C PRO G 26 -31.63 -31.13 31.40
N ASP G 27 -31.37 -30.02 32.10
CA ASP G 27 -31.76 -28.70 31.61
C ASP G 27 -30.57 -28.04 30.93
N GLY G 28 -29.43 -28.74 30.96
CA GLY G 28 -28.15 -28.17 30.56
C GLY G 28 -28.04 -27.61 29.16
N CYS G 29 -28.82 -28.16 28.24
CA CYS G 29 -28.76 -27.76 26.85
C CYS G 29 -29.31 -26.34 26.74
N ASP G 30 -30.18 -26.01 27.69
CA ASP G 30 -30.82 -24.70 27.74
C ASP G 30 -30.07 -23.72 28.66
N GLU G 31 -29.32 -24.23 29.62
CA GLU G 31 -28.69 -23.38 30.64
C GLU G 31 -27.18 -23.28 30.50
N GLU G 32 -26.56 -24.23 29.82
CA GLU G 32 -25.10 -24.20 29.66
C GLU G 32 -24.73 -23.80 28.23
N LEU G 33 -23.75 -22.90 28.12
CA LEU G 33 -23.29 -22.41 26.84
C LEU G 33 -22.55 -23.48 26.05
N PRO G 34 -22.78 -23.51 24.73
CA PRO G 34 -22.01 -24.36 23.82
C PRO G 34 -20.74 -23.66 23.38
N PHE G 35 -19.61 -24.35 23.41
CA PHE G 35 -18.37 -23.74 22.95
C PHE G 35 -17.38 -24.77 22.44
N GLN G 36 -16.55 -24.34 21.49
CA GLN G 36 -15.43 -25.13 20.99
C GLN G 36 -14.11 -24.74 21.63
N GLU G 37 -13.13 -25.62 21.51
CA GLU G 37 -11.78 -25.36 21.95
C GLU G 37 -11.19 -24.12 21.25
N GLY G 38 -10.62 -23.22 22.04
CA GLY G 38 -10.00 -22.01 21.54
C GLY G 38 -10.90 -20.79 21.63
N ASP G 39 -12.18 -21.02 21.84
CA ASP G 39 -13.15 -19.95 21.99
C ASP G 39 -12.91 -19.15 23.28
N THR G 40 -13.03 -17.82 23.21
CA THR G 40 -12.86 -16.96 24.39
C THR G 40 -14.21 -16.43 24.90
N ILE G 41 -14.42 -16.59 26.21
CA ILE G 41 -15.70 -16.27 26.83
C ILE G 41 -15.63 -15.11 27.83
N LYS G 42 -16.57 -14.17 27.73
CA LYS G 42 -16.67 -13.07 28.67
C LYS G 42 -17.37 -13.56 29.94
N VAL G 43 -16.60 -13.72 31.01
CA VAL G 43 -17.13 -14.26 32.27
C VAL G 43 -17.33 -13.17 33.31
N PHE G 44 -18.50 -13.15 33.93
CA PHE G 44 -18.85 -12.11 34.89
C PHE G 44 -18.90 -12.64 36.33
N GLY G 45 -18.21 -11.94 37.23
CA GLY G 45 -18.21 -12.35 38.62
C GLY G 45 -17.27 -13.52 38.84
N ASP G 46 -17.56 -14.34 39.84
CA ASP G 46 -16.73 -15.49 40.17
C ASP G 46 -17.47 -16.82 40.04
N LYS G 47 -16.72 -17.90 40.22
CA LYS G 47 -17.20 -19.27 40.23
C LYS G 47 -18.27 -19.47 41.31
N ASP G 48 -19.37 -20.15 40.98
CA ASP G 48 -20.41 -20.39 41.97
C ASP G 48 -20.10 -21.66 42.76
N ALA G 49 -20.94 -21.99 43.74
CA ALA G 49 -20.70 -23.14 44.60
C ALA G 49 -20.67 -24.47 43.84
N ASP G 50 -21.28 -24.51 42.66
CA ASP G 50 -21.35 -25.74 41.88
C ASP G 50 -20.09 -25.94 41.04
N GLY G 51 -19.36 -24.85 40.81
CA GLY G 51 -18.13 -24.89 40.05
C GLY G 51 -18.25 -24.26 38.67
N PHE G 52 -19.32 -23.49 38.47
CA PHE G 52 -19.60 -22.89 37.18
C PHE G 52 -19.36 -21.37 37.16
N TYR G 53 -18.85 -20.87 36.03
CA TYR G 53 -18.83 -19.44 35.80
C TYR G 53 -20.10 -19.03 35.04
N TRP G 54 -20.49 -17.77 35.18
CA TRP G 54 -21.59 -17.24 34.37
C TRP G 54 -21.01 -16.23 33.41
N GLY G 55 -21.36 -16.37 32.13
CA GLY G 55 -20.76 -15.53 31.12
C GLY G 55 -21.52 -15.37 29.82
N GLU G 56 -20.85 -14.75 28.85
CA GLU G 56 -21.43 -14.39 27.56
C GLU G 56 -20.62 -14.96 26.41
N LEU G 57 -21.28 -15.47 25.39
CA LEU G 57 -20.57 -15.93 24.20
C LEU G 57 -21.53 -15.93 23.02
N ARG G 58 -21.16 -15.22 21.96
CA ARG G 58 -21.99 -15.10 20.77
C ARG G 58 -23.40 -14.61 21.07
N GLY G 59 -23.49 -13.60 21.93
CA GLY G 59 -24.76 -12.98 22.24
C GLY G 59 -25.64 -13.79 23.17
N ARG G 60 -25.16 -14.96 23.57
CA ARG G 60 -25.89 -15.82 24.50
C ARG G 60 -25.18 -15.92 25.83
N ARG G 61 -25.96 -15.91 26.90
CA ARG G 61 -25.43 -16.10 28.26
C ARG G 61 -25.88 -17.42 28.88
N GLY G 62 -25.00 -17.98 29.71
CA GLY G 62 -25.22 -19.28 30.33
C GLY G 62 -24.10 -19.61 31.30
N TYR G 63 -24.13 -20.84 31.79
CA TYR G 63 -23.17 -21.29 32.79
C TYR G 63 -22.04 -22.06 32.10
N VAL G 64 -20.83 -21.96 32.64
CA VAL G 64 -19.65 -22.57 32.04
C VAL G 64 -18.91 -23.40 33.05
N PRO G 65 -18.73 -24.70 32.77
CA PRO G 65 -17.97 -25.52 33.72
C PRO G 65 -16.51 -25.09 33.76
N HIS G 66 -15.99 -24.89 34.96
CA HIS G 66 -14.66 -24.30 35.11
C HIS G 66 -13.57 -25.25 34.65
N ASN G 67 -13.86 -26.54 34.67
CA ASN G 67 -12.88 -27.56 34.33
C ASN G 67 -12.70 -27.71 32.83
N MET G 68 -13.36 -26.85 32.06
CA MET G 68 -13.31 -26.94 30.61
C MET G 68 -12.66 -25.69 30.04
N VAL G 69 -12.51 -24.69 30.90
CA VAL G 69 -12.06 -23.39 30.47
C VAL G 69 -10.89 -22.92 31.35
N SER G 70 -10.05 -22.04 30.81
CA SER G 70 -8.97 -21.44 31.59
C SER G 70 -8.97 -19.93 31.41
N GLU G 71 -8.91 -19.21 32.53
CA GLU G 71 -8.83 -17.76 32.53
C GLU G 71 -7.59 -17.34 31.77
N VAL G 72 -7.70 -16.33 30.93
CA VAL G 72 -6.53 -15.85 30.20
C VAL G 72 -5.71 -14.92 31.10
N GLU G 73 -4.63 -15.50 31.62
CA GLU G 73 -3.67 -14.77 32.44
C GLU G 73 -2.71 -13.96 31.57
N ARG H 9 18.55 12.80 -28.28
CA ARG H 9 18.71 11.35 -28.28
C ARG H 9 18.71 10.76 -29.70
N TYR H 10 19.47 9.69 -29.89
CA TYR H 10 19.48 8.96 -31.15
C TYR H 10 19.89 7.51 -30.97
N PHE H 11 19.11 6.61 -31.57
CA PHE H 11 19.44 5.19 -31.59
C PHE H 11 19.42 4.64 -33.01
N VAL H 12 20.32 3.70 -33.28
CA VAL H 12 20.31 2.98 -34.54
C VAL H 12 19.98 1.51 -34.27
N ALA H 13 19.10 0.93 -35.07
CA ALA H 13 18.81 -0.49 -34.92
C ALA H 13 19.98 -1.31 -35.46
N MET H 14 20.51 -2.25 -34.68
CA MET H 14 21.59 -3.09 -35.20
C MET H 14 21.00 -4.40 -35.71
N PHE H 15 19.70 -4.58 -35.44
CA PHE H 15 18.99 -5.79 -35.84
C PHE H 15 17.63 -5.44 -36.44
N ASP H 16 17.18 -6.32 -37.33
CA ASP H 16 15.83 -6.29 -37.87
C ASP H 16 14.86 -6.71 -36.77
N TYR H 17 13.67 -6.10 -36.76
CA TYR H 17 12.68 -6.50 -35.76
C TYR H 17 11.26 -6.50 -36.33
N ASP H 18 10.63 -7.68 -36.32
CA ASP H 18 9.26 -7.84 -36.78
C ASP H 18 8.35 -8.32 -35.65
N PRO H 19 7.65 -7.37 -35.00
CA PRO H 19 6.78 -7.62 -33.84
C PRO H 19 5.71 -8.69 -34.05
N SER H 20 5.32 -8.92 -35.30
CA SER H 20 4.40 -10.00 -35.61
C SER H 20 5.01 -11.36 -35.26
N THR H 21 6.30 -11.52 -35.56
CA THR H 21 6.96 -12.81 -35.44
C THR H 21 8.04 -12.85 -34.36
N MET H 22 8.35 -11.69 -33.79
CA MET H 22 9.49 -11.59 -32.86
C MET H 22 9.12 -11.06 -31.49
N SER H 23 7.89 -10.57 -31.35
CA SER H 23 7.44 -10.04 -30.08
C SER H 23 6.71 -11.09 -29.25
N PRO H 24 7.04 -11.17 -27.96
CA PRO H 24 6.38 -12.02 -26.97
C PRO H 24 5.04 -11.44 -26.54
N ASN H 25 4.77 -10.25 -27.03
CA ASN H 25 3.57 -9.51 -26.69
C ASN H 25 2.44 -9.64 -27.71
N PRO H 26 1.26 -10.08 -27.25
CA PRO H 26 0.04 -10.21 -28.05
C PRO H 26 -0.43 -8.85 -28.50
N ASP H 27 0.12 -7.84 -27.82
CA ASP H 27 -0.15 -6.44 -28.06
C ASP H 27 0.94 -5.90 -28.99
N GLY H 28 1.93 -6.75 -29.26
CA GLY H 28 3.13 -6.35 -29.97
C GLY H 28 3.00 -5.74 -31.35
N CYS H 29 1.94 -6.11 -32.07
CA CYS H 29 1.79 -5.67 -33.45
C CYS H 29 1.48 -4.18 -33.60
N ASP H 30 0.78 -3.59 -32.62
CA ASP H 30 0.46 -2.16 -32.71
C ASP H 30 1.34 -1.22 -31.89
N GLU H 31 2.01 -1.75 -30.87
CA GLU H 31 2.68 -0.88 -29.91
C GLU H 31 4.18 -0.87 -30.15
N GLU H 32 4.67 -1.81 -30.93
CA GLU H 32 6.09 -1.86 -31.24
C GLU H 32 6.42 -1.38 -32.64
N LEU H 33 7.47 -0.57 -32.74
CA LEU H 33 7.99 -0.14 -34.03
C LEU H 33 8.67 -1.26 -34.77
N PRO H 34 8.43 -1.33 -36.08
CA PRO H 34 9.13 -2.20 -37.01
C PRO H 34 10.39 -1.49 -37.49
N PHE H 35 11.52 -2.18 -37.54
CA PHE H 35 12.73 -1.54 -38.04
C PHE H 35 13.76 -2.48 -38.67
N GLN H 36 14.53 -1.87 -39.58
CA GLN H 36 15.65 -2.49 -40.27
C GLN H 36 16.97 -2.17 -39.59
N GLU H 37 17.97 -3.00 -39.88
CA GLU H 37 19.32 -2.71 -39.45
C GLU H 37 19.75 -1.41 -40.11
N GLY H 38 20.29 -0.47 -39.34
CA GLY H 38 20.74 0.78 -39.92
C GLY H 38 19.74 1.89 -39.77
N ASP H 39 18.51 1.53 -39.43
CA ASP H 39 17.45 2.53 -39.21
C ASP H 39 17.80 3.41 -38.02
N THR H 40 17.55 4.71 -38.16
CA THR H 40 17.83 5.64 -37.09
C THR H 40 16.52 6.04 -36.43
N ILE H 41 16.45 5.86 -35.12
CA ILE H 41 15.19 6.09 -34.41
C ILE H 41 15.33 7.25 -33.41
N LYS H 42 14.40 8.20 -33.48
CA LYS H 42 14.35 9.30 -32.51
C LYS H 42 13.61 8.87 -31.26
N VAL H 43 14.33 8.67 -30.17
CA VAL H 43 13.73 8.19 -28.92
C VAL H 43 13.55 9.33 -27.92
N PHE H 44 12.37 9.38 -27.33
CA PHE H 44 12.03 10.45 -26.41
C PHE H 44 11.95 9.89 -25.00
N GLY H 45 12.63 10.52 -24.05
CA GLY H 45 12.65 10.07 -22.67
C GLY H 45 13.62 8.94 -22.40
N ASP H 46 13.36 8.14 -21.36
CA ASP H 46 14.26 7.06 -20.97
C ASP H 46 13.65 5.66 -20.98
N LYS H 47 14.49 4.65 -20.72
CA LYS H 47 14.04 3.27 -20.61
C LYS H 47 13.03 3.14 -19.49
N ASP H 48 11.93 2.43 -19.74
CA ASP H 48 10.95 2.23 -18.69
C ASP H 48 11.26 0.98 -17.86
N ALA H 49 10.48 0.73 -16.82
CA ALA H 49 10.71 -0.40 -15.93
C ALA H 49 10.62 -1.73 -16.66
N ASP H 50 9.91 -1.74 -17.79
CA ASP H 50 9.75 -2.97 -18.53
C ASP H 50 10.95 -3.18 -19.41
N GLY H 51 11.66 -2.10 -19.73
CA GLY H 51 12.87 -2.19 -20.54
C GLY H 51 12.75 -1.66 -21.96
N PHE H 52 11.70 -0.88 -22.23
CA PHE H 52 11.48 -0.36 -23.56
C PHE H 52 11.75 1.13 -23.68
N TYR H 53 12.31 1.55 -24.82
CA TYR H 53 12.37 2.97 -25.17
C TYR H 53 11.12 3.34 -25.95
N TRP H 54 10.71 4.60 -25.90
CA TRP H 54 9.60 5.07 -26.72
C TRP H 54 10.14 6.05 -27.74
N GLY H 55 9.82 5.85 -29.02
CA GLY H 55 10.40 6.69 -30.06
C GLY H 55 9.64 6.78 -31.37
N GLU H 56 10.26 7.42 -32.35
CA GLU H 56 9.63 7.69 -33.64
C GLU H 56 10.42 7.17 -34.84
N LEU H 57 9.71 6.61 -35.81
CA LEU H 57 10.32 6.15 -37.05
C LEU H 57 9.28 6.13 -38.16
N ARG H 58 9.58 6.82 -39.27
CA ARG H 58 8.67 6.90 -40.41
C ARG H 58 7.28 7.40 -40.06
N GLY H 59 7.21 8.45 -39.26
CA GLY H 59 5.94 9.06 -38.92
C GLY H 59 5.17 8.21 -37.92
N ARG H 60 5.76 7.09 -37.51
CA ARG H 60 5.10 6.23 -36.53
C ARG H 60 5.86 6.26 -35.22
N ARG H 61 5.11 6.31 -34.13
CA ARG H 61 5.61 6.31 -32.77
C ARG H 61 5.18 5.03 -32.05
N GLY H 62 6.04 4.51 -31.17
CA GLY H 62 5.76 3.25 -30.49
C GLY H 62 6.85 2.86 -29.51
N TYR H 63 6.76 1.64 -28.98
CA TYR H 63 7.73 1.20 -27.98
C TYR H 63 8.84 0.39 -28.62
N VAL H 64 10.06 0.56 -28.13
CA VAL H 64 11.24 -0.06 -28.73
C VAL H 64 12.11 -0.75 -27.68
N PRO H 65 12.34 -2.06 -27.85
CA PRO H 65 13.21 -2.82 -26.94
C PRO H 65 14.70 -2.45 -27.05
N HIS H 66 15.32 -2.19 -25.92
CA HIS H 66 16.69 -1.69 -25.84
C HIS H 66 17.75 -2.75 -26.19
N ASN H 67 17.42 -4.02 -26.01
CA ASN H 67 18.38 -5.09 -26.24
C ASN H 67 18.59 -5.39 -27.71
N MET H 68 17.96 -4.54 -28.52
CA MET H 68 17.99 -4.63 -29.97
C MET H 68 18.65 -3.34 -30.47
N VAL H 69 18.91 -2.44 -29.51
CA VAL H 69 19.30 -1.07 -29.78
C VAL H 69 20.64 -0.65 -29.16
N SER H 70 21.29 0.34 -29.79
CA SER H 70 22.53 0.92 -29.29
C SER H 70 22.48 2.45 -29.22
N GLU H 71 22.87 3.03 -28.09
CA GLU H 71 22.90 4.49 -27.97
C GLU H 71 23.95 5.08 -28.93
N VAL H 72 23.55 6.07 -29.71
CA VAL H 72 24.49 6.76 -30.59
C VAL H 72 25.12 7.97 -29.90
N PHE I 8 27.02 8.67 -10.52
CA PHE I 8 27.72 9.73 -9.81
C PHE I 8 27.99 10.91 -10.73
N ARG I 9 27.77 12.12 -10.21
CA ARG I 9 28.05 13.35 -10.93
C ARG I 9 28.38 14.45 -9.93
N TYR I 10 29.17 15.44 -10.34
CA TYR I 10 29.50 16.54 -9.45
C TYR I 10 28.73 17.82 -9.76
N PHE I 11 28.24 18.47 -8.70
CA PHE I 11 27.60 19.76 -8.81
C PHE I 11 28.32 20.71 -7.86
N VAL I 12 28.42 21.99 -8.22
CA VAL I 12 29.01 22.96 -7.31
C VAL I 12 27.93 23.92 -6.81
N ALA I 13 27.96 24.20 -5.51
CA ALA I 13 27.00 25.11 -4.89
C ALA I 13 27.23 26.58 -5.25
N MET I 14 26.16 27.24 -5.68
CA MET I 14 26.20 28.66 -6.03
C MET I 14 25.76 29.58 -4.90
N PHE I 15 25.13 29.02 -3.87
CA PHE I 15 24.59 29.84 -2.80
C PHE I 15 24.83 29.15 -1.48
N ASP I 16 24.88 29.91 -0.40
CA ASP I 16 24.87 29.28 0.92
C ASP I 16 23.48 28.69 1.14
N TYR I 17 23.41 27.52 1.76
CA TYR I 17 22.12 26.93 2.07
C TYR I 17 22.16 26.29 3.43
N ASP I 18 21.35 26.85 4.32
CA ASP I 18 21.20 26.38 5.68
C ASP I 18 19.76 25.95 5.86
N PRO I 19 19.49 24.66 5.64
CA PRO I 19 18.13 24.10 5.69
C PRO I 19 17.40 24.42 6.99
N SER I 20 18.14 24.64 8.05
CA SER I 20 17.57 25.02 9.33
C SER I 20 16.76 26.32 9.23
N THR I 21 17.31 27.29 8.49
CA THR I 21 16.72 28.61 8.43
C THR I 21 16.19 28.99 7.04
N MET I 22 16.43 28.13 6.04
CA MET I 22 16.12 28.48 4.66
C MET I 22 15.17 27.50 3.98
N SER I 23 14.90 26.38 4.62
CA SER I 23 14.05 25.36 4.03
C SER I 23 12.58 25.47 4.43
N PRO I 24 11.68 25.30 3.44
CA PRO I 24 10.23 25.28 3.70
C PRO I 24 9.82 23.94 4.29
N ASN I 25 10.79 23.03 4.37
CA ASN I 25 10.55 21.70 4.89
C ASN I 25 10.96 21.61 6.35
N PRO I 26 10.00 21.28 7.22
CA PRO I 26 10.16 21.20 8.67
C PRO I 26 11.15 20.10 9.06
N ASP I 27 11.38 19.20 8.12
CA ASP I 27 12.31 18.09 8.26
C ASP I 27 13.67 18.40 7.64
N GLY I 28 13.80 19.61 7.09
CA GLY I 28 14.95 19.98 6.30
C GLY I 28 16.34 19.88 6.88
N CYS I 29 16.49 20.08 8.19
CA CYS I 29 17.81 20.03 8.80
C CYS I 29 18.37 18.62 8.83
N ASP I 30 17.49 17.63 8.90
CA ASP I 30 17.91 16.23 8.96
C ASP I 30 17.95 15.55 7.60
N GLU I 31 17.18 16.05 6.64
CA GLU I 31 17.02 15.36 5.36
C GLU I 31 17.71 16.05 4.17
N GLU I 32 17.97 17.35 4.31
CA GLU I 32 18.64 18.11 3.25
C GLU I 32 20.08 18.44 3.62
N LEU I 33 20.99 18.29 2.65
CA LEU I 33 22.39 18.60 2.91
C LEU I 33 22.60 20.10 3.09
N PRO I 34 23.43 20.48 4.06
CA PRO I 34 23.90 21.86 4.29
C PRO I 34 25.17 22.14 3.49
N PHE I 35 25.24 23.29 2.84
CA PHE I 35 26.43 23.65 2.06
C PHE I 35 26.64 25.16 1.88
N GLN I 36 27.90 25.54 1.67
CA GLN I 36 28.26 26.89 1.27
C GLN I 36 28.49 26.97 -0.23
N GLU I 37 28.47 28.19 -0.78
CA GLU I 37 28.82 28.39 -2.18
C GLU I 37 30.26 27.92 -2.36
N GLY I 38 30.48 27.11 -3.39
CA GLY I 38 31.79 26.57 -3.69
C GLY I 38 31.99 25.15 -3.22
N ASP I 39 31.12 24.67 -2.32
CA ASP I 39 31.17 23.27 -1.92
C ASP I 39 30.77 22.41 -3.12
N THR I 40 31.49 21.31 -3.33
CA THR I 40 31.18 20.41 -4.44
C THR I 40 30.49 19.13 -3.96
N ILE I 41 29.37 18.80 -4.58
CA ILE I 41 28.54 17.69 -4.13
C ILE I 41 28.54 16.55 -5.15
N LYS I 42 28.76 15.34 -4.66
CA LYS I 42 28.69 14.13 -5.48
C LYS I 42 27.21 13.75 -5.64
N VAL I 43 26.63 13.98 -6.81
CA VAL I 43 25.20 13.71 -6.99
C VAL I 43 24.97 12.42 -7.76
N PHE I 44 24.07 11.59 -7.24
CA PHE I 44 23.79 10.29 -7.85
C PHE I 44 22.39 10.32 -8.46
N GLY I 45 22.27 9.89 -9.71
CA GLY I 45 20.97 9.87 -10.39
C GLY I 45 20.55 11.22 -10.94
N ASP I 46 19.23 11.43 -11.03
CA ASP I 46 18.70 12.67 -11.58
C ASP I 46 17.93 13.39 -10.49
N LYS I 47 17.54 14.65 -10.75
CA LYS I 47 16.64 15.33 -9.83
C LYS I 47 15.33 14.56 -9.86
N ASP I 48 14.73 14.32 -8.69
CA ASP I 48 13.51 13.52 -8.56
CA ASP I 48 13.53 13.46 -8.69
C ASP I 48 12.25 14.27 -8.93
N ALA I 49 11.11 13.71 -8.54
CA ALA I 49 9.81 14.32 -8.82
C ALA I 49 9.63 15.68 -8.17
N ASP I 50 10.32 15.93 -7.06
CA ASP I 50 10.19 17.21 -6.37
C ASP I 50 11.17 18.25 -6.91
N GLY I 51 12.25 17.79 -7.54
CA GLY I 51 13.25 18.69 -8.08
C GLY I 51 14.54 18.65 -7.29
N PHE I 52 14.68 17.62 -6.47
CA PHE I 52 15.85 17.49 -5.63
C PHE I 52 16.80 16.45 -6.19
N TYR I 53 18.09 16.73 -6.09
CA TYR I 53 19.09 15.74 -6.39
C TYR I 53 19.35 14.99 -5.10
N TRP I 54 19.76 13.73 -5.19
CA TRP I 54 20.20 13.02 -4.00
C TRP I 54 21.68 12.78 -4.17
N GLY I 55 22.46 13.18 -3.16
CA GLY I 55 23.90 13.11 -3.27
C GLY I 55 24.62 13.08 -1.95
N GLU I 56 25.95 13.15 -2.02
CA GLU I 56 26.80 12.97 -0.86
C GLU I 56 27.71 14.17 -0.65
N LEU I 57 27.81 14.60 0.60
CA LEU I 57 28.63 15.74 0.97
C LEU I 57 29.00 15.61 2.44
N ARG I 58 30.29 15.77 2.74
CA ARG I 58 30.83 15.61 4.09
C ARG I 58 30.53 14.21 4.60
N GLY I 59 30.61 13.22 3.73
CA GLY I 59 30.39 11.83 4.14
C GLY I 59 28.92 11.61 4.42
N ARG I 60 28.12 12.65 4.23
CA ARG I 60 26.69 12.65 4.51
C ARG I 60 25.85 12.72 3.25
N ARG I 61 24.74 12.01 3.25
CA ARG I 61 23.80 12.03 2.14
C ARG I 61 22.48 12.70 2.51
N GLY I 62 21.86 13.35 1.52
CA GLY I 62 20.63 14.11 1.73
C GLY I 62 20.13 14.69 0.43
N TYR I 63 19.09 15.51 0.50
CA TYR I 63 18.49 16.06 -0.71
C TYR I 63 19.02 17.46 -1.02
N VAL I 64 19.16 17.77 -2.30
CA VAL I 64 19.78 19.01 -2.74
C VAL I 64 18.86 19.68 -3.76
N PRO I 65 18.41 20.91 -3.44
CA PRO I 65 17.55 21.71 -4.32
C PRO I 65 18.26 22.16 -5.61
N HIS I 66 17.60 22.01 -6.76
CA HIS I 66 18.24 22.27 -8.05
C HIS I 66 18.46 23.77 -8.28
N ASN I 67 17.63 24.59 -7.64
CA ASN I 67 17.66 26.03 -7.85
C ASN I 67 18.79 26.71 -7.07
N MET I 68 19.61 25.89 -6.42
CA MET I 68 20.70 26.39 -5.61
C MET I 68 22.06 25.88 -6.09
N VAL I 69 22.03 24.93 -7.01
CA VAL I 69 23.24 24.19 -7.39
C VAL I 69 23.54 24.23 -8.90
N SER I 70 24.83 24.07 -9.24
CA SER I 70 25.24 24.07 -10.64
C SER I 70 26.07 22.84 -11.05
N GLU I 71 25.63 22.17 -12.11
CA GLU I 71 26.32 21.02 -12.69
C GLU I 71 27.67 21.39 -13.30
N VAL I 72 28.70 20.58 -13.04
CA VAL I 72 30.01 20.80 -13.64
C VAL I 72 30.07 20.16 -15.02
N PHE J 8 -11.91 26.79 -11.93
CA PHE J 8 -11.45 26.15 -13.15
C PHE J 8 -10.91 27.19 -14.12
N ARG J 9 -9.91 26.79 -14.88
CA ARG J 9 -9.29 27.65 -15.88
C ARG J 9 -9.46 27.01 -17.25
N TYR J 10 -9.46 27.84 -18.29
CA TYR J 10 -9.53 27.30 -19.63
C TYR J 10 -8.17 27.30 -20.30
N PHE J 11 -7.86 26.20 -20.97
CA PHE J 11 -6.68 26.11 -21.78
C PHE J 11 -7.19 25.80 -23.18
N VAL J 12 -6.52 26.30 -24.20
CA VAL J 12 -6.94 25.99 -25.56
C VAL J 12 -5.94 25.04 -26.21
N ALA J 13 -6.48 24.04 -26.89
CA ALA J 13 -5.63 23.08 -27.58
C ALA J 13 -4.94 23.76 -28.74
N MET J 14 -3.63 23.61 -28.80
CA MET J 14 -2.82 24.21 -29.86
C MET J 14 -2.54 23.23 -30.97
N PHE J 15 -2.76 21.96 -30.66
CA PHE J 15 -2.40 20.89 -31.57
C PHE J 15 -3.45 19.81 -31.55
N ASP J 16 -3.55 19.05 -32.64
CA ASP J 16 -4.32 17.82 -32.57
C ASP J 16 -3.54 16.87 -31.66
N TYR J 17 -4.24 16.12 -30.82
CA TYR J 17 -3.56 15.15 -29.96
C TYR J 17 -4.35 13.85 -29.83
N ASP J 18 -3.72 12.78 -30.29
CA ASP J 18 -4.31 11.44 -30.24
C ASP J 18 -3.42 10.57 -29.38
N PRO J 19 -3.76 10.45 -28.09
CA PRO J 19 -2.99 9.72 -27.10
C PRO J 19 -2.67 8.27 -27.48
N SER J 20 -3.51 7.65 -28.31
CA SER J 20 -3.24 6.29 -28.77
C SER J 20 -1.93 6.18 -29.55
N THR J 21 -1.66 7.18 -30.38
CA THR J 21 -0.52 7.11 -31.30
C THR J 21 0.59 8.11 -30.99
N MET J 22 0.35 9.02 -30.05
CA MET J 22 1.27 10.12 -29.82
C MET J 22 1.77 10.18 -28.36
N SER J 23 1.13 9.41 -27.49
CA SER J 23 1.49 9.40 -26.07
C SER J 23 2.47 8.28 -25.74
N PRO J 24 3.50 8.60 -24.94
CA PRO J 24 4.52 7.64 -24.47
C PRO J 24 4.02 6.73 -23.36
N ASN J 25 2.81 6.99 -22.88
CA ASN J 25 2.21 6.17 -21.83
C ASN J 25 1.21 5.17 -22.39
N PRO J 26 1.41 3.87 -22.11
CA PRO J 26 0.53 2.82 -22.65
C PRO J 26 -0.90 2.95 -22.14
N ASP J 27 -1.06 3.68 -21.05
CA ASP J 27 -2.36 3.94 -20.46
C ASP J 27 -2.94 5.28 -20.90
N GLY J 28 -2.16 6.02 -21.69
CA GLY J 28 -2.51 7.38 -22.09
C GLY J 28 -3.85 7.42 -22.81
N CYS J 29 -4.16 6.29 -23.41
CA CYS J 29 -5.39 6.13 -24.17
C CYS J 29 -6.58 6.14 -23.21
N ASP J 30 -6.35 5.71 -21.98
CA ASP J 30 -7.40 5.63 -20.96
C ASP J 30 -7.48 6.86 -20.06
N GLU J 31 -6.36 7.52 -19.83
CA GLU J 31 -6.29 8.60 -18.85
C GLU J 31 -6.03 9.98 -19.41
N GLU J 32 -5.55 10.08 -20.63
CA GLU J 32 -5.26 11.38 -21.22
C GLU J 32 -6.38 11.77 -22.17
N LEU J 33 -6.84 13.01 -22.08
CA LEU J 33 -7.94 13.49 -22.89
C LEU J 33 -7.50 13.59 -24.35
N PRO J 34 -8.36 13.17 -25.29
CA PRO J 34 -8.12 13.36 -26.73
C PRO J 34 -8.67 14.70 -27.19
N PHE J 35 -7.89 15.45 -27.97
CA PHE J 35 -8.36 16.74 -28.45
C PHE J 35 -7.72 17.18 -29.76
N GLN J 36 -8.48 17.95 -30.53
CA GLN J 36 -7.99 18.62 -31.73
C GLN J 36 -7.65 20.07 -31.47
N GLU J 37 -6.86 20.67 -32.36
CA GLU J 37 -6.50 22.07 -32.28
C GLU J 37 -7.74 22.95 -32.22
N GLY J 38 -7.76 23.86 -31.25
CA GLY J 38 -8.87 24.77 -31.05
C GLY J 38 -9.82 24.33 -29.95
N ASP J 39 -9.72 23.09 -29.49
CA ASP J 39 -10.57 22.62 -28.41
C ASP J 39 -10.27 23.35 -27.10
N THR J 40 -11.33 23.69 -26.37
CA THR J 40 -11.19 24.39 -25.09
C THR J 40 -11.38 23.41 -23.96
N ILE J 41 -10.40 23.36 -23.07
CA ILE J 41 -10.40 22.39 -21.99
C ILE J 41 -10.54 23.07 -20.64
N LYS J 42 -11.48 22.56 -19.85
CA LYS J 42 -11.71 23.02 -18.49
C LYS J 42 -10.74 22.34 -17.52
N VAL J 43 -9.76 23.10 -17.03
CA VAL J 43 -8.75 22.54 -16.14
C VAL J 43 -9.00 22.92 -14.69
N PHE J 44 -8.96 21.93 -13.81
CA PHE J 44 -9.23 22.14 -12.39
C PHE J 44 -7.95 21.96 -11.60
N GLY J 45 -7.64 22.93 -10.74
CA GLY J 45 -6.43 22.84 -9.96
C GLY J 45 -5.26 23.23 -10.84
N ASP J 46 -4.06 22.76 -10.50
CA ASP J 46 -2.89 23.11 -11.29
C ASP J 46 -2.15 21.86 -11.80
N LYS J 47 -1.10 22.13 -12.55
CA LYS J 47 -0.17 21.16 -13.13
C LYS J 47 0.48 20.25 -12.08
N ASP J 48 0.59 18.95 -12.38
CA ASP J 48 1.23 18.03 -11.45
C ASP J 48 2.74 17.98 -11.65
N ALA J 49 3.43 17.23 -10.79
CA ALA J 49 4.90 17.14 -10.83
C ALA J 49 5.41 16.57 -12.15
N ASP J 50 4.54 15.81 -12.82
CA ASP J 50 4.87 15.15 -14.06
C ASP J 50 4.67 16.06 -15.27
N GLY J 51 3.89 17.12 -15.09
CA GLY J 51 3.63 18.10 -16.14
C GLY J 51 2.24 18.08 -16.74
N PHE J 52 1.32 17.40 -16.05
CA PHE J 52 -0.04 17.28 -16.54
C PHE J 52 -1.06 18.10 -15.75
N TYR J 53 -2.01 18.67 -16.49
CA TYR J 53 -3.18 19.24 -15.88
C TYR J 53 -4.23 18.15 -15.83
N TRP J 54 -5.14 18.25 -14.89
CA TRP J 54 -6.29 17.36 -14.87
C TRP J 54 -7.49 18.22 -15.21
N GLY J 55 -8.27 17.77 -16.19
CA GLY J 55 -9.36 18.60 -16.66
C GLY J 55 -10.48 17.87 -17.39
N GLU J 56 -11.38 18.65 -17.98
CA GLU J 56 -12.57 18.11 -18.62
C GLU J 56 -12.73 18.58 -20.06
N LEU J 57 -13.16 17.66 -20.92
CA LEU J 57 -13.48 17.95 -22.31
C LEU J 57 -14.47 16.92 -22.78
N ARG J 58 -15.60 17.39 -23.31
CA ARG J 58 -16.67 16.54 -23.82
C ARG J 58 -17.23 15.55 -22.80
N GLY J 59 -17.45 16.02 -21.58
CA GLY J 59 -18.06 15.20 -20.56
C GLY J 59 -17.12 14.17 -20.01
N ARG J 60 -15.91 14.16 -20.54
CA ARG J 60 -14.89 13.21 -20.11
C ARG J 60 -13.77 13.95 -19.38
N ARG J 61 -13.28 13.34 -18.30
CA ARG J 61 -12.15 13.88 -17.56
C ARG J 61 -10.90 13.01 -17.67
N GLY J 62 -9.75 13.67 -17.66
CA GLY J 62 -8.47 13.00 -17.84
C GLY J 62 -7.34 14.00 -17.72
N TYR J 63 -6.13 13.54 -18.00
CA TYR J 63 -4.93 14.34 -17.83
C TYR J 63 -4.49 15.01 -19.14
N VAL J 64 -3.90 16.21 -19.03
CA VAL J 64 -3.55 16.99 -20.21
C VAL J 64 -2.09 17.44 -20.17
N PRO J 65 -1.31 17.03 -21.19
CA PRO J 65 0.08 17.46 -21.28
C PRO J 65 0.15 18.96 -21.56
N HIS J 66 0.96 19.68 -20.79
CA HIS J 66 0.97 21.13 -20.83
C HIS J 66 1.55 21.68 -22.13
N ASN J 67 2.42 20.90 -22.78
CA ASN J 67 3.12 21.37 -23.97
C ASN J 67 2.24 21.32 -25.22
N MET J 68 0.98 20.97 -25.05
CA MET J 68 0.05 20.85 -26.19
C MET J 68 -1.11 21.85 -26.09
N VAL J 69 -1.23 22.49 -24.93
CA VAL J 69 -2.33 23.41 -24.64
C VAL J 69 -1.79 24.74 -24.16
N SER J 70 -2.57 25.80 -24.30
CA SER J 70 -2.18 27.10 -23.76
C SER J 70 -3.28 27.66 -22.87
N GLU J 71 -2.87 28.09 -21.68
CA GLU J 71 -3.79 28.69 -20.73
C GLU J 71 -4.43 29.92 -21.35
N VAL J 72 -5.74 30.04 -21.15
CA VAL J 72 -6.45 31.22 -21.63
C VAL J 72 -6.32 32.34 -20.61
N GLU J 73 -5.42 33.26 -20.89
CA GLU J 73 -5.23 34.49 -20.12
C GLU J 73 -4.21 35.40 -20.80
N GLY K 3 -4.71 13.89 15.52
CA GLY K 3 -3.58 13.18 14.96
C GLY K 3 -3.98 11.84 14.40
N ARG K 4 -3.59 10.76 15.09
CA ARG K 4 -3.90 9.42 14.60
C ARG K 4 -5.35 9.15 14.93
N ARG K 5 -6.10 8.61 13.98
CA ARG K 5 -7.53 8.45 14.20
C ARG K 5 -7.95 7.02 14.53
N LEU K 6 -8.96 6.92 15.39
CA LEU K 6 -9.53 5.65 15.80
C LEU K 6 -10.55 5.15 14.78
N PRO K 7 -10.62 3.83 14.59
CA PRO K 7 -11.70 3.30 13.77
C PRO K 7 -12.98 3.37 14.58
N PRO K 8 -14.16 3.36 13.94
CA PRO K 8 -15.43 3.35 14.66
C PRO K 8 -15.63 2.09 15.53
N THR K 9 -16.24 2.26 16.70
CA THR K 9 -16.64 1.11 17.52
C THR K 9 -17.92 0.54 16.90
N PRO K 10 -17.93 -0.77 16.59
CA PRO K 10 -18.97 -1.38 15.74
C PRO K 10 -20.37 -1.57 16.33
N SER K 11 -20.95 -2.75 16.08
CA SER K 11 -22.30 -3.10 16.52
C SER K 11 -22.46 -3.77 17.89
N LYS K 12 -21.95 -4.99 18.01
CA LYS K 12 -22.18 -5.81 19.21
C LYS K 12 -21.07 -6.83 19.46
N PRO K 13 -20.75 -7.09 20.74
CA PRO K 13 -19.50 -7.69 21.22
C PRO K 13 -18.99 -8.96 20.54
N SER K 14 -19.78 -10.02 20.49
CA SER K 14 -19.29 -11.32 20.02
C SER K 14 -20.06 -11.83 18.81
N GLY L 3 1.79 -11.27 -13.01
CA GLY L 3 2.71 -10.24 -12.55
C GLY L 3 3.05 -10.39 -11.08
N ARG L 4 2.12 -10.96 -10.33
CA ARG L 4 2.27 -11.11 -8.89
C ARG L 4 3.21 -12.21 -8.46
N ARG L 5 4.00 -11.93 -7.43
CA ARG L 5 5.03 -12.84 -6.93
C ARG L 5 4.50 -13.58 -5.71
N LEU L 6 4.88 -14.86 -5.58
CA LEU L 6 4.41 -15.66 -4.44
C LEU L 6 5.23 -15.43 -3.19
N PRO L 7 4.56 -15.48 -2.03
CA PRO L 7 5.30 -15.41 -0.77
C PRO L 7 6.04 -16.72 -0.56
N PRO L 8 7.08 -16.71 0.29
CA PRO L 8 7.83 -17.92 0.60
C PRO L 8 6.97 -19.01 1.23
N THR L 9 7.28 -20.26 0.92
CA THR L 9 6.63 -21.38 1.61
C THR L 9 7.32 -21.35 2.96
N PRO L 10 6.54 -21.26 4.05
CA PRO L 10 7.13 -20.83 5.33
C PRO L 10 8.06 -21.80 6.06
N SER L 11 8.52 -21.34 7.21
CA SER L 11 9.38 -22.11 8.10
C SER L 11 8.60 -22.91 9.15
N LYS L 12 7.61 -23.68 8.73
CA LYS L 12 6.80 -24.43 9.68
C LYS L 12 6.09 -25.60 9.00
N GLY M 3 -2.42 16.63 -0.38
CA GLY M 3 -2.56 15.21 -0.64
C GLY M 3 -3.64 14.93 -1.66
N ARG M 4 -4.80 14.48 -1.20
CA ARG M 4 -5.88 14.10 -2.09
C ARG M 4 -6.56 15.33 -2.65
N ARG M 5 -6.90 15.27 -3.93
CA ARG M 5 -7.46 16.42 -4.61
C ARG M 5 -8.98 16.28 -4.63
N LEU M 6 -9.67 17.39 -4.49
CA LEU M 6 -11.13 17.38 -4.50
C LEU M 6 -11.63 17.34 -5.93
N PRO M 7 -12.72 16.60 -6.14
CA PRO M 7 -13.33 16.69 -7.47
C PRO M 7 -14.07 18.01 -7.60
N PRO M 8 -14.28 18.47 -8.85
CA PRO M 8 -15.07 19.68 -9.11
C PRO M 8 -16.51 19.53 -8.65
N THR M 9 -17.13 20.60 -8.13
CA THR M 9 -18.55 20.53 -7.84
C THR M 9 -19.32 20.70 -9.16
N PRO M 10 -20.17 19.70 -9.48
CA PRO M 10 -20.81 19.48 -10.79
C PRO M 10 -21.94 20.42 -11.21
N SER M 11 -22.56 20.06 -12.34
CA SER M 11 -23.69 20.77 -12.94
C SER M 11 -24.69 21.34 -11.93
N LYS M 12 -25.63 20.52 -11.46
CA LYS M 12 -26.67 21.01 -10.56
C LYS M 12 -27.26 19.85 -9.73
N PRO M 13 -27.64 20.15 -8.47
CA PRO M 13 -27.86 19.18 -7.39
C PRO M 13 -28.70 17.94 -7.69
N SER M 14 -29.94 18.06 -8.15
CA SER M 14 -30.79 16.88 -8.28
C SER M 14 -31.22 16.64 -9.72
N GLY N 3 10.47 2.34 -9.55
CA GLY N 3 10.37 3.54 -8.74
C GLY N 3 11.48 3.64 -7.70
N ARG N 4 11.91 2.50 -7.19
CA ARG N 4 12.92 2.45 -6.15
C ARG N 4 14.34 2.64 -6.71
N ARG N 5 15.14 3.43 -6.01
CA ARG N 5 16.47 3.78 -6.50
C ARG N 5 17.55 2.99 -5.76
N LEU N 6 18.60 2.62 -6.49
CA LEU N 6 19.71 1.87 -5.91
C LEU N 6 20.63 2.84 -5.21
N PRO N 7 21.18 2.45 -4.06
CA PRO N 7 22.19 3.31 -3.44
C PRO N 7 23.50 3.18 -4.20
N PRO N 8 24.39 4.18 -4.08
CA PRO N 8 25.73 4.11 -4.68
C PRO N 8 26.55 2.97 -4.07
N THR N 9 27.36 2.30 -4.89
CA THR N 9 28.29 1.31 -4.40
C THR N 9 29.52 2.03 -3.81
N PRO N 10 29.87 1.71 -2.55
CA PRO N 10 30.84 2.46 -1.74
C PRO N 10 32.33 2.32 -2.14
N SER N 11 33.21 2.26 -1.14
CA SER N 11 34.65 2.16 -1.35
C SER N 11 35.22 0.74 -1.49
N LYS N 12 35.37 0.05 -0.36
CA LYS N 12 35.98 -1.29 -0.32
C LYS N 12 35.40 -2.09 0.86
N PRO N 13 35.21 -3.41 0.66
CA PRO N 13 34.25 -4.22 1.43
C PRO N 13 34.36 -4.29 2.94
N SER N 14 35.50 -4.72 3.47
CA SER N 14 35.61 -5.03 4.89
C SER N 14 36.10 -3.85 5.72
N ILE O 2 12.45 14.32 25.71
CA ILE O 2 11.63 14.97 24.71
C ILE O 2 10.40 14.14 24.40
N GLY O 3 10.09 13.19 25.27
CA GLY O 3 8.86 12.45 25.15
C GLY O 3 9.07 11.11 24.48
N ARG O 4 10.33 10.74 24.28
CA ARG O 4 10.63 9.48 23.62
C ARG O 4 10.39 8.34 24.60
N ARG O 5 9.70 7.31 24.14
CA ARG O 5 9.32 6.20 24.99
C ARG O 5 10.22 5.00 24.74
N LEU O 6 10.47 4.23 25.79
CA LEU O 6 11.35 3.08 25.70
C LEU O 6 10.67 1.83 25.15
N PRO O 7 11.41 1.04 24.36
CA PRO O 7 10.93 -0.25 23.87
C PRO O 7 10.98 -1.33 24.96
N PRO O 8 10.20 -2.42 24.80
CA PRO O 8 10.21 -3.57 25.72
C PRO O 8 11.57 -4.28 25.76
N THR O 9 11.98 -4.73 26.94
CA THR O 9 13.19 -5.54 27.09
C THR O 9 13.02 -7.02 26.76
N PRO O 10 13.86 -7.55 25.84
CA PRO O 10 13.73 -8.94 25.38
C PRO O 10 14.22 -9.91 26.46
N SER O 11 14.15 -11.22 26.20
CA SER O 11 14.65 -12.22 27.15
C SER O 11 13.95 -12.13 28.50
N ILE P 2 -7.75 -9.28 -22.81
CA ILE P 2 -8.99 -9.71 -22.17
C ILE P 2 -9.14 -11.22 -21.93
N GLY P 3 -8.99 -11.59 -20.67
CA GLY P 3 -9.31 -12.93 -20.20
C GLY P 3 -10.04 -12.63 -18.92
N ARG P 4 -11.15 -11.89 -19.06
CA ARG P 4 -11.86 -11.38 -17.90
C ARG P 4 -12.66 -12.46 -17.20
N ARG P 5 -12.61 -12.41 -15.88
CA ARG P 5 -13.20 -13.44 -15.06
C ARG P 5 -14.52 -12.92 -14.52
N LEU P 6 -15.52 -13.78 -14.40
CA LEU P 6 -16.80 -13.31 -13.88
C LEU P 6 -16.76 -13.27 -12.37
N PRO P 7 -17.43 -12.28 -11.79
CA PRO P 7 -17.54 -12.22 -10.33
C PRO P 7 -18.52 -13.31 -9.87
N PRO P 8 -18.43 -13.68 -8.58
CA PRO P 8 -19.36 -14.69 -8.04
C PRO P 8 -20.82 -14.29 -8.16
N THR P 9 -21.67 -15.27 -8.41
CA THR P 9 -23.11 -15.06 -8.42
C THR P 9 -23.63 -14.99 -6.98
N PRO P 10 -24.34 -13.90 -6.64
CA PRO P 10 -24.76 -13.65 -5.26
C PRO P 10 -25.91 -14.57 -4.85
N GLY Q 3 -28.40 -27.65 42.96
CA GLY Q 3 -27.03 -28.10 42.84
C GLY Q 3 -26.65 -28.54 41.44
N ARG Q 4 -26.06 -27.65 40.67
CA ARG Q 4 -25.71 -27.91 39.27
C ARG Q 4 -24.48 -28.82 39.19
N ARG Q 5 -24.51 -29.82 38.31
CA ARG Q 5 -23.41 -30.78 38.27
C ARG Q 5 -22.40 -30.53 37.15
N LEU Q 6 -21.14 -30.79 37.47
CA LEU Q 6 -20.04 -30.60 36.52
C LEU Q 6 -19.86 -31.80 35.62
N PRO Q 7 -19.52 -31.56 34.35
CA PRO Q 7 -19.15 -32.64 33.45
C PRO Q 7 -17.75 -33.14 33.81
N PRO Q 8 -17.39 -34.36 33.39
CA PRO Q 8 -16.04 -34.85 33.66
C PRO Q 8 -14.96 -33.95 33.05
N THR Q 9 -13.84 -33.82 33.73
CA THR Q 9 -12.70 -33.11 33.17
C THR Q 9 -12.08 -34.03 32.15
N PRO Q 10 -11.94 -33.55 30.90
CA PRO Q 10 -11.53 -34.39 29.76
C PRO Q 10 -10.05 -34.74 29.76
N GLY R 3 2.28 -5.49 -17.78
CA GLY R 3 3.45 -6.33 -17.58
C GLY R 3 4.12 -6.70 -18.89
N ARG R 4 4.70 -5.70 -19.56
CA ARG R 4 5.29 -5.88 -20.89
C ARG R 4 6.68 -6.52 -20.93
N ARG R 5 6.84 -7.47 -21.85
CA ARG R 5 8.09 -8.24 -22.01
C ARG R 5 8.97 -7.91 -23.23
N LEU R 6 10.28 -8.10 -23.06
CA LEU R 6 11.28 -7.94 -24.11
C LEU R 6 11.40 -9.16 -25.01
N PRO R 7 11.73 -8.93 -26.28
CA PRO R 7 12.02 -9.98 -27.25
C PRO R 7 13.33 -10.65 -26.89
N PRO R 8 13.59 -11.84 -27.46
CA PRO R 8 14.88 -12.45 -27.15
C PRO R 8 16.02 -11.55 -27.60
N THR R 9 17.06 -11.41 -26.80
CA THR R 9 18.23 -10.68 -27.26
C THR R 9 19.01 -11.63 -28.15
N PRO R 10 19.26 -11.22 -29.40
CA PRO R 10 19.79 -12.13 -30.42
C PRO R 10 21.26 -12.48 -30.22
N GLY S 3 6.38 14.95 -1.13
CA GLY S 3 5.92 16.29 -1.39
C GLY S 3 6.85 17.37 -0.89
N ARG S 4 8.15 17.20 -1.17
CA ARG S 4 9.17 18.11 -0.68
C ARG S 4 9.18 19.41 -1.48
N ARG S 5 9.29 20.52 -0.77
CA ARG S 5 9.19 21.84 -1.37
C ARG S 5 10.56 22.48 -1.56
N LEU S 6 10.72 23.20 -2.66
CA LEU S 6 11.98 23.88 -2.96
C LEU S 6 12.04 25.24 -2.28
N PRO S 7 13.24 25.61 -1.83
CA PRO S 7 13.45 26.95 -1.27
C PRO S 7 13.43 28.00 -2.37
N PRO S 8 13.18 29.27 -2.02
CA PRO S 8 13.22 30.35 -3.00
C PRO S 8 14.60 30.53 -3.64
N THR S 9 14.62 30.84 -4.93
CA THR S 9 15.85 31.18 -5.62
C THR S 9 16.24 32.62 -5.31
N PRO S 10 17.47 32.84 -4.82
CA PRO S 10 17.88 34.15 -4.31
C PRO S 10 18.10 35.19 -5.40
N GLY T 3 3.91 9.37 -12.15
CA GLY T 3 5.07 9.05 -12.96
C GLY T 3 4.81 9.10 -14.47
N ARG T 4 3.75 9.80 -14.84
CA ARG T 4 3.30 9.91 -16.22
C ARG T 4 4.15 10.86 -17.03
N ARG T 5 4.40 10.45 -18.28
CA ARG T 5 5.36 11.11 -19.16
C ARG T 5 4.76 12.07 -20.17
N LEU T 6 5.52 13.14 -20.44
CA LEU T 6 5.12 14.15 -21.40
C LEU T 6 5.48 13.71 -22.81
N PRO T 7 4.60 14.02 -23.78
CA PRO T 7 4.81 13.78 -25.21
C PRO T 7 5.82 14.77 -25.81
N PRO T 8 6.35 14.48 -27.01
CA PRO T 8 7.27 15.43 -27.66
C PRO T 8 6.62 16.79 -27.93
N THR T 9 7.36 17.87 -27.74
CA THR T 9 6.87 19.22 -28.07
C THR T 9 6.97 19.47 -29.57
N PRO T 10 5.84 19.83 -30.20
CA PRO T 10 5.67 19.93 -31.66
C PRO T 10 6.35 21.14 -32.31
N SER T 11 6.10 21.34 -33.61
CA SER T 11 6.69 22.45 -34.35
C SER T 11 5.88 23.76 -34.39
N LYS T 12 4.71 23.77 -35.03
CA LYS T 12 3.97 25.02 -35.21
C LYS T 12 2.45 24.84 -35.48
N PRO T 13 1.62 25.74 -34.91
CA PRO T 13 0.17 25.53 -34.78
C PRO T 13 -0.73 26.58 -35.45
N SER T 14 -1.97 26.67 -34.95
CA SER T 14 -3.03 27.49 -35.52
C SER T 14 -3.27 27.23 -37.00
#